data_6DAY
#
_entry.id   6DAY
#
_cell.length_a   82.589
_cell.length_b   75.387
_cell.length_c   89.106
_cell.angle_alpha   90.000
_cell.angle_beta   101.102
_cell.angle_gamma   90.000
#
_symmetry.space_group_name_H-M   'P 1 21 1'
#
loop_
_entity.id
_entity.type
_entity.pdbx_description
1 polymer 'Dihydropteroate synthase'
2 non-polymer '4-AMINOBENZOIC ACID'
3 non-polymer 'SULFATE ION'
4 non-polymer GLYCEROL
5 water water
#
_entity_poly.entity_id   1
_entity_poly.type   'polypeptide(L)'
_entity_poly.pdbx_seq_one_letter_code
;MFDTSPRLDCAGRILTLDRPRVMGIVNVTPDSFSDGGTHTTVEAAVAHGLRLAEEGADLLDIGGESTRPGATAVPVEEEL
RRVIPVIERLVAQTALPLSVDTFKPEVMRAAVAAGAGMINDVQALRQPGALDAVADLRVPVVLMHMPGDAYAAGSAPHYD
DVVAEVHRFLVERIFAAEMAGIDKRRLLIDPGFGFGKSTADNVQLLAHLPRLCELGVPVLAGLSRKRSIGELTGRELPEQ
RVAGSVAAHLLAAQRGALLLRVHDVAATVDALTVWQAVQAVPSPRVATGTAMPIRWPDED
;
_entity_poly.pdbx_strand_id   A,B,C,D
#
# COMPACT_ATOMS: atom_id res chain seq x y z
N SER A 5 -7.13 40.10 -15.63
CA SER A 5 -7.14 38.75 -16.17
C SER A 5 -8.38 38.48 -17.05
N PRO A 6 -8.18 37.67 -18.09
CA PRO A 6 -9.30 37.32 -18.98
C PRO A 6 -10.48 36.70 -18.25
N ARG A 7 -11.68 37.14 -18.65
CA ARG A 7 -12.97 36.60 -18.22
C ARG A 7 -13.58 35.98 -19.47
N LEU A 8 -13.71 34.64 -19.50
CA LEU A 8 -14.28 33.96 -20.67
C LEU A 8 -15.71 33.56 -20.39
N ASP A 9 -16.61 34.07 -21.20
CA ASP A 9 -18.04 33.80 -21.13
C ASP A 9 -18.32 32.64 -22.08
N CYS A 10 -18.42 31.44 -21.53
CA CYS A 10 -18.66 30.23 -22.31
C CYS A 10 -20.15 29.91 -22.28
N ALA A 11 -20.90 30.59 -23.14
CA ALA A 11 -22.34 30.40 -23.27
C ALA A 11 -23.05 30.52 -21.92
N GLY A 12 -22.65 31.53 -21.14
CA GLY A 12 -23.26 31.78 -19.86
C GLY A 12 -22.49 31.18 -18.69
N ARG A 13 -21.60 30.22 -18.96
CA ARG A 13 -20.77 29.62 -17.93
C ARG A 13 -19.44 30.35 -17.93
N ILE A 14 -19.12 31.02 -16.84
CA ILE A 14 -18.01 31.96 -16.78
C ILE A 14 -16.77 31.24 -16.31
N LEU A 15 -15.68 31.40 -17.05
CA LEU A 15 -14.38 30.85 -16.69
C LEU A 15 -13.44 32.03 -16.43
N THR A 16 -12.91 32.12 -15.22
CA THR A 16 -12.05 33.24 -14.86
C THR A 16 -10.60 32.80 -14.94
N LEU A 17 -9.83 33.46 -15.79
CA LEU A 17 -8.45 33.00 -15.98
C LEU A 17 -7.47 33.82 -15.13
N ASP A 18 -7.76 33.97 -13.84
CA ASP A 18 -6.81 34.61 -12.94
C ASP A 18 -5.66 33.69 -12.59
N ARG A 19 -5.80 32.42 -12.90
CA ARG A 19 -4.79 31.40 -12.71
C ARG A 19 -5.07 30.30 -13.71
N PRO A 20 -4.13 29.41 -13.96
CA PRO A 20 -4.35 28.35 -14.96
C PRO A 20 -5.55 27.49 -14.60
N ARG A 21 -6.39 27.21 -15.59
CA ARG A 21 -7.56 26.37 -15.42
C ARG A 21 -7.35 25.06 -16.18
N VAL A 22 -7.96 23.99 -15.69
CA VAL A 22 -7.72 22.65 -16.23
C VAL A 22 -8.87 22.24 -17.14
N MET A 23 -8.53 21.92 -18.38
CA MET A 23 -9.49 21.47 -19.39
C MET A 23 -9.39 19.95 -19.50
N GLY A 24 -10.40 19.23 -19.04
CA GLY A 24 -10.34 17.75 -19.08
C GLY A 24 -10.75 17.18 -20.43
N ILE A 25 -9.95 16.23 -20.94
CA ILE A 25 -10.17 15.64 -22.26
C ILE A 25 -11.24 14.56 -22.20
N VAL A 26 -12.29 14.72 -23.01
CA VAL A 26 -13.39 13.74 -23.13
C VAL A 26 -13.42 13.33 -24.60
N ASN A 27 -12.72 12.25 -24.93
CA ASN A 27 -12.76 11.72 -26.29
C ASN A 27 -13.97 10.81 -26.46
N VAL A 28 -14.69 10.99 -27.57
CA VAL A 28 -15.82 10.14 -27.96
C VAL A 28 -15.46 9.49 -29.29
N THR A 29 -14.46 8.61 -29.28
CA THR A 29 -14.10 7.96 -30.53
C THR A 29 -14.12 6.46 -30.28
N PRO A 30 -14.80 5.70 -31.13
CA PRO A 30 -14.81 4.24 -30.96
C PRO A 30 -13.42 3.66 -31.05
N ASP A 31 -13.17 2.60 -30.29
CA ASP A 31 -11.90 1.90 -30.32
C ASP A 31 -12.14 0.39 -30.42
N SER A 32 -11.11 -0.39 -30.09
CA SER A 32 -11.15 -1.84 -30.19
C SER A 32 -12.22 -2.48 -29.32
N PHE A 33 -12.83 -1.73 -28.40
CA PHE A 33 -13.80 -2.29 -27.48
C PHE A 33 -15.19 -1.70 -27.70
N THR A 38 -21.41 5.40 -31.48
CA THR A 38 -22.37 4.42 -30.99
C THR A 38 -22.66 4.56 -29.49
N HIS A 39 -23.69 3.81 -29.08
CA HIS A 39 -24.33 4.02 -27.78
C HIS A 39 -23.36 3.80 -26.61
N THR A 40 -22.56 2.73 -26.66
CA THR A 40 -21.66 2.45 -25.55
C THR A 40 -20.51 3.44 -25.49
N THR A 41 -20.13 4.03 -26.63
CA THR A 41 -19.08 5.03 -26.61
C THR A 41 -19.60 6.31 -25.99
N VAL A 42 -20.83 6.70 -26.32
CA VAL A 42 -21.42 7.88 -25.70
C VAL A 42 -21.54 7.68 -24.18
N GLU A 43 -22.01 6.51 -23.72
CA GLU A 43 -22.20 6.28 -22.28
C GLU A 43 -20.87 6.34 -21.55
N ALA A 44 -19.82 5.80 -22.14
CA ALA A 44 -18.53 5.86 -21.48
C ALA A 44 -18.00 7.28 -21.43
N ALA A 45 -18.21 8.05 -22.50
CA ALA A 45 -17.71 9.43 -22.54
C ALA A 45 -18.41 10.30 -21.52
N VAL A 46 -19.72 10.11 -21.35
CA VAL A 46 -20.44 10.90 -20.36
C VAL A 46 -19.91 10.57 -18.97
N ALA A 47 -19.75 9.28 -18.70
CA ALA A 47 -19.24 8.86 -17.41
C ALA A 47 -17.86 9.41 -17.18
N HIS A 48 -17.04 9.43 -18.23
CA HIS A 48 -15.69 9.97 -18.08
C HIS A 48 -15.73 11.46 -17.79
N GLY A 49 -16.56 12.19 -18.51
CA GLY A 49 -16.70 13.62 -18.24
C GLY A 49 -17.15 13.90 -16.83
N LEU A 50 -18.09 13.09 -16.31
CA LEU A 50 -18.51 13.31 -14.93
C LEU A 50 -17.37 13.01 -13.96
N ARG A 51 -16.57 11.99 -14.26
CA ARG A 51 -15.42 11.68 -13.41
C ARG A 51 -14.41 12.82 -13.44
N LEU A 52 -14.14 13.40 -14.62
CA LEU A 52 -13.19 14.50 -14.66
C LEU A 52 -13.73 15.72 -13.92
N ALA A 53 -15.05 15.93 -13.98
CA ALA A 53 -15.62 17.02 -13.20
C ALA A 53 -15.40 16.79 -11.71
N GLU A 54 -15.61 15.56 -11.25
CA GLU A 54 -15.38 15.24 -9.83
C GLU A 54 -13.92 15.45 -9.45
N GLU A 55 -13.00 15.25 -10.40
CA GLU A 55 -11.57 15.38 -10.15
C GLU A 55 -11.10 16.83 -10.13
N GLY A 56 -11.98 17.78 -10.41
CA GLY A 56 -11.65 19.19 -10.32
C GLY A 56 -11.45 19.92 -11.63
N ALA A 57 -11.87 19.34 -12.75
CA ALA A 57 -11.71 20.02 -14.04
C ALA A 57 -12.42 21.36 -13.98
N ASP A 58 -11.84 22.37 -14.64
CA ASP A 58 -12.53 23.65 -14.74
C ASP A 58 -13.43 23.71 -15.98
N LEU A 59 -13.16 22.86 -16.96
CA LEU A 59 -13.97 22.78 -18.16
C LEU A 59 -13.68 21.43 -18.81
N LEU A 60 -14.58 21.01 -19.69
CA LEU A 60 -14.41 19.72 -20.37
C LEU A 60 -14.37 19.96 -21.86
N ASP A 61 -13.51 19.22 -22.57
CA ASP A 61 -13.33 19.33 -24.02
C ASP A 61 -13.79 18.03 -24.67
N ILE A 62 -14.88 18.10 -25.44
CA ILE A 62 -15.54 16.92 -25.98
C ILE A 62 -15.19 16.81 -27.46
N GLY A 63 -14.60 15.70 -27.90
CA GLY A 63 -14.20 15.55 -29.28
C GLY A 63 -14.56 14.22 -29.90
N GLY A 64 -15.06 14.22 -31.15
CA GLY A 64 -15.49 13.01 -31.83
C GLY A 64 -14.68 12.66 -33.07
N GLU A 65 -13.56 13.35 -33.24
CA GLU A 65 -12.61 13.07 -34.33
C GLU A 65 -11.23 13.01 -33.72
N SER A 66 -10.38 12.10 -34.24
CA SER A 66 -9.04 11.99 -33.68
C SER A 66 -8.05 12.89 -34.40
N ALA A 73 -10.67 10.05 -40.95
CA ALA A 73 -11.57 11.16 -41.26
C ALA A 73 -13.02 10.80 -40.94
N VAL A 74 -13.72 11.70 -40.26
CA VAL A 74 -15.07 11.46 -39.80
C VAL A 74 -15.98 12.47 -40.49
N PRO A 75 -17.04 12.04 -41.19
CA PRO A 75 -17.98 13.00 -41.79
C PRO A 75 -18.84 13.69 -40.74
N VAL A 76 -19.32 14.88 -41.10
CA VAL A 76 -20.09 15.72 -40.18
C VAL A 76 -21.22 14.93 -39.54
N GLU A 77 -21.98 14.20 -40.36
CA GLU A 77 -23.11 13.45 -39.81
C GLU A 77 -22.64 12.45 -38.76
N GLU A 78 -21.47 11.85 -38.97
CA GLU A 78 -20.94 10.88 -38.03
C GLU A 78 -20.40 11.58 -36.78
N GLU A 79 -19.74 12.73 -36.94
CA GLU A 79 -19.24 13.46 -35.80
C GLU A 79 -20.39 13.90 -34.88
N LEU A 80 -21.52 14.30 -35.47
CA LEU A 80 -22.67 14.75 -34.68
C LEU A 80 -23.25 13.63 -33.84
N ARG A 81 -23.30 12.41 -34.39
CA ARG A 81 -23.83 11.27 -33.64
C ARG A 81 -22.96 10.98 -32.42
N ARG A 82 -21.70 11.37 -32.48
CA ARG A 82 -20.80 11.13 -31.34
C ARG A 82 -20.87 12.25 -30.33
N VAL A 83 -20.70 13.50 -30.77
CA VAL A 83 -20.50 14.57 -29.81
C VAL A 83 -21.80 15.10 -29.25
N ILE A 84 -22.87 15.19 -30.06
CA ILE A 84 -24.07 15.86 -29.57
C ILE A 84 -24.68 15.16 -28.36
N PRO A 85 -24.89 13.83 -28.36
CA PRO A 85 -25.45 13.20 -27.15
C PRO A 85 -24.59 13.41 -25.93
N VAL A 86 -23.27 13.44 -26.12
CA VAL A 86 -22.37 13.64 -24.99
C VAL A 86 -22.51 15.07 -24.46
N ILE A 87 -22.55 16.05 -25.36
CA ILE A 87 -22.75 17.42 -24.92
C ILE A 87 -24.09 17.58 -24.20
N GLU A 88 -25.15 17.02 -24.78
CA GLU A 88 -26.47 17.19 -24.17
C GLU A 88 -26.51 16.61 -22.77
N ARG A 89 -25.89 15.45 -22.57
CA ARG A 89 -25.95 14.85 -21.25
C ARG A 89 -25.05 15.60 -20.27
N LEU A 90 -23.85 16.04 -20.72
CA LEU A 90 -22.96 16.72 -19.78
C LEU A 90 -23.45 18.13 -19.45
N VAL A 91 -24.10 18.81 -20.39
CA VAL A 91 -24.58 20.16 -20.10
C VAL A 91 -25.66 20.11 -19.02
N ALA A 92 -26.39 18.99 -18.95
CA ALA A 92 -27.44 18.81 -17.96
C ALA A 92 -26.92 18.31 -16.61
N GLN A 93 -25.79 17.61 -16.59
CA GLN A 93 -25.35 16.92 -15.39
C GLN A 93 -24.12 17.52 -14.74
N THR A 94 -23.51 18.55 -15.33
CA THR A 94 -22.41 19.29 -14.75
C THR A 94 -22.68 20.78 -14.91
N ALA A 95 -22.00 21.57 -14.07
CA ALA A 95 -22.06 23.02 -14.15
C ALA A 95 -20.87 23.61 -14.88
N LEU A 96 -20.01 22.78 -15.43
CA LEU A 96 -18.78 23.22 -16.06
C LEU A 96 -19.03 23.76 -17.48
N PRO A 97 -18.22 24.71 -17.92
CA PRO A 97 -18.22 25.06 -19.35
C PRO A 97 -17.76 23.85 -20.17
N LEU A 98 -18.34 23.69 -21.35
CA LEU A 98 -18.01 22.59 -22.23
C LEU A 98 -17.48 23.12 -23.55
N SER A 99 -16.37 22.57 -23.98
CA SER A 99 -15.79 22.90 -25.27
C SER A 99 -16.00 21.74 -26.24
N VAL A 100 -16.18 22.04 -27.52
CA VAL A 100 -16.25 21.01 -28.56
C VAL A 100 -14.99 21.11 -29.41
N ASP A 101 -14.36 19.98 -29.61
CA ASP A 101 -13.12 19.90 -30.38
C ASP A 101 -13.48 19.49 -31.79
N THR A 102 -13.51 20.47 -32.69
CA THR A 102 -13.88 20.23 -34.09
C THR A 102 -13.35 21.36 -34.94
N PHE A 103 -13.14 21.07 -36.22
CA PHE A 103 -12.80 22.10 -37.19
C PHE A 103 -13.90 22.33 -38.20
N LYS A 104 -15.06 21.67 -38.05
CA LYS A 104 -16.09 21.72 -39.08
C LYS A 104 -17.19 22.67 -38.64
N PRO A 105 -17.48 23.71 -39.45
CA PRO A 105 -18.46 24.72 -39.03
C PRO A 105 -19.83 24.16 -38.73
N GLU A 106 -20.30 23.15 -39.49
CA GLU A 106 -21.61 22.60 -39.21
C GLU A 106 -21.62 21.90 -37.86
N VAL A 107 -20.49 21.32 -37.43
CA VAL A 107 -20.45 20.70 -36.11
C VAL A 107 -20.40 21.77 -35.03
N MET A 108 -19.67 22.86 -35.29
CA MET A 108 -19.61 23.96 -34.35
C MET A 108 -21.02 24.49 -34.07
N ARG A 109 -21.79 24.72 -35.13
CA ARG A 109 -23.11 25.29 -34.91
C ARG A 109 -23.99 24.32 -34.13
N ALA A 110 -23.97 23.03 -34.48
CA ALA A 110 -24.85 22.09 -33.79
C ALA A 110 -24.44 21.88 -32.34
N ALA A 111 -23.13 21.90 -32.10
CA ALA A 111 -22.64 21.68 -30.73
C ALA A 111 -23.03 22.85 -29.83
N VAL A 112 -22.91 24.08 -30.34
CA VAL A 112 -23.30 25.22 -29.54
C VAL A 112 -24.81 25.19 -29.30
N ALA A 113 -25.59 24.78 -30.30
CA ALA A 113 -27.02 24.71 -30.06
C ALA A 113 -27.33 23.65 -29.01
N ALA A 114 -26.52 22.61 -28.91
CA ALA A 114 -26.71 21.55 -27.93
C ALA A 114 -26.19 21.91 -26.55
N GLY A 115 -25.43 22.98 -26.41
CA GLY A 115 -24.96 23.39 -25.10
C GLY A 115 -23.48 23.71 -24.97
N ALA A 116 -22.71 23.49 -26.03
CA ALA A 116 -21.28 23.76 -25.98
C ALA A 116 -21.07 25.25 -25.80
N GLY A 117 -20.03 25.62 -25.06
CA GLY A 117 -19.82 27.04 -24.80
C GLY A 117 -18.47 27.54 -25.27
N MET A 118 -17.73 26.71 -26.01
CA MET A 118 -16.41 27.04 -26.52
C MET A 118 -16.10 26.08 -27.66
N ILE A 119 -15.27 26.53 -28.61
CA ILE A 119 -14.84 25.70 -29.72
C ILE A 119 -13.33 25.58 -29.69
N ASN A 120 -12.80 24.38 -29.79
CA ASN A 120 -11.36 24.16 -29.86
C ASN A 120 -11.04 23.67 -31.27
N ASP A 121 -10.42 24.52 -32.09
CA ASP A 121 -10.27 24.25 -33.51
C ASP A 121 -8.81 24.02 -33.88
N VAL A 122 -8.48 22.76 -34.23
CA VAL A 122 -7.12 22.44 -34.64
C VAL A 122 -6.76 23.11 -35.95
N GLN A 123 -7.75 23.55 -36.74
CA GLN A 123 -7.45 24.23 -37.99
C GLN A 123 -7.44 25.75 -37.86
N ALA A 124 -7.66 26.30 -36.66
CA ALA A 124 -7.64 27.77 -36.45
C ALA A 124 -8.58 28.50 -37.41
N LEU A 125 -9.78 27.93 -37.59
CA LEU A 125 -10.86 28.52 -38.41
C LEU A 125 -10.47 28.64 -39.88
N ARG A 126 -9.57 27.77 -40.36
CA ARG A 126 -9.21 27.80 -41.77
C ARG A 126 -10.14 27.00 -42.66
N GLN A 127 -11.00 26.17 -42.07
CA GLN A 127 -12.00 25.46 -42.88
C GLN A 127 -12.99 26.45 -43.48
N PRO A 128 -13.32 26.30 -44.74
CA PRO A 128 -14.30 27.20 -45.35
C PRO A 128 -15.60 27.29 -44.54
N GLY A 129 -15.99 28.50 -44.15
CA GLY A 129 -17.17 28.73 -43.36
C GLY A 129 -16.92 28.86 -41.86
N ALA A 130 -15.72 28.47 -41.39
CA ALA A 130 -15.49 28.44 -39.95
C ALA A 130 -15.48 29.83 -39.34
N LEU A 131 -14.85 30.80 -40.01
CA LEU A 131 -14.82 32.16 -39.47
C LEU A 131 -16.22 32.71 -39.28
N ASP A 132 -17.08 32.59 -40.31
CA ASP A 132 -18.43 33.14 -40.19
C ASP A 132 -19.25 32.38 -39.15
N ALA A 133 -19.05 31.07 -39.01
CA ALA A 133 -19.78 30.31 -38.00
C ALA A 133 -19.48 30.81 -36.59
N VAL A 134 -18.20 30.96 -36.27
CA VAL A 134 -17.82 31.34 -34.91
C VAL A 134 -18.25 32.78 -34.64
N ALA A 135 -18.16 33.65 -35.65
CA ALA A 135 -18.62 35.02 -35.46
C ALA A 135 -20.12 35.07 -35.13
N ASP A 136 -20.91 34.21 -35.78
CA ASP A 136 -22.35 34.09 -35.53
C ASP A 136 -22.64 33.58 -34.12
N LEU A 137 -21.81 32.65 -33.65
CA LEU A 137 -22.10 31.90 -32.42
C LEU A 137 -21.76 32.64 -31.15
N ARG A 138 -20.79 33.56 -31.21
CA ARG A 138 -20.42 34.37 -30.06
C ARG A 138 -19.95 33.49 -28.88
N VAL A 139 -19.22 32.42 -29.18
CA VAL A 139 -18.55 31.65 -28.13
C VAL A 139 -17.04 31.84 -28.24
N PRO A 140 -16.26 31.57 -27.18
CA PRO A 140 -14.81 31.59 -27.31
C PRO A 140 -14.32 30.50 -28.26
N VAL A 141 -13.15 30.76 -28.87
CA VAL A 141 -12.56 29.77 -29.76
C VAL A 141 -11.05 29.69 -29.50
N VAL A 142 -10.51 28.47 -29.49
CA VAL A 142 -9.09 28.23 -29.40
C VAL A 142 -8.56 28.05 -30.81
N LEU A 143 -7.61 28.87 -31.20
CA LEU A 143 -6.92 28.77 -32.47
C LEU A 143 -5.59 28.04 -32.31
N MET A 144 -5.49 26.84 -32.89
CA MET A 144 -4.28 26.03 -32.74
C MET A 144 -3.40 26.17 -33.96
N HIS A 145 -2.09 25.96 -33.75
CA HIS A 145 -1.17 25.87 -34.86
C HIS A 145 -0.99 24.41 -35.25
N MET A 146 -1.20 24.13 -36.54
CA MET A 146 -0.97 22.86 -37.18
C MET A 146 -0.29 23.24 -38.49
N PRO A 147 0.76 22.50 -38.90
CA PRO A 147 1.40 22.83 -40.18
C PRO A 147 0.60 22.27 -41.35
N PRO A 157 7.52 17.34 -39.28
CA PRO A 157 7.84 18.47 -40.16
C PRO A 157 9.07 19.23 -39.68
N HIS A 158 9.80 19.89 -40.57
CA HIS A 158 10.97 20.69 -40.21
C HIS A 158 10.65 22.18 -40.29
N TYR A 159 11.12 22.91 -39.28
CA TYR A 159 11.03 24.37 -39.21
C TYR A 159 12.42 24.98 -39.08
N ASP A 160 12.59 26.17 -39.67
CA ASP A 160 13.84 26.89 -39.44
C ASP A 160 13.85 27.54 -38.07
N ASP A 161 12.71 28.10 -37.67
CA ASP A 161 12.55 28.76 -36.37
C ASP A 161 11.11 28.47 -35.96
N VAL A 162 10.90 27.35 -35.24
CA VAL A 162 9.53 26.92 -34.98
C VAL A 162 8.78 27.98 -34.17
N VAL A 163 9.46 28.60 -33.22
CA VAL A 163 8.80 29.57 -32.37
C VAL A 163 8.35 30.75 -33.19
N ALA A 164 9.23 31.22 -34.08
CA ALA A 164 8.86 32.36 -34.91
C ALA A 164 7.74 32.02 -35.88
N GLU A 165 7.79 30.81 -36.46
CA GLU A 165 6.76 30.36 -37.39
C GLU A 165 5.41 30.21 -36.71
N VAL A 166 5.38 29.61 -35.51
CA VAL A 166 4.11 29.50 -34.79
C VAL A 166 3.57 30.89 -34.44
N HIS A 167 4.46 31.78 -34.00
CA HIS A 167 4.04 33.14 -33.65
C HIS A 167 3.40 33.83 -34.84
N ARG A 168 4.07 33.75 -35.99
CA ARG A 168 3.58 34.38 -37.22
C ARG A 168 2.20 33.85 -37.58
N PHE A 169 2.05 32.52 -37.58
CA PHE A 169 0.78 31.89 -37.93
C PHE A 169 -0.33 32.34 -36.97
N LEU A 170 -0.04 32.35 -35.65
CA LEU A 170 -1.12 32.69 -34.71
C LEU A 170 -1.51 34.17 -34.82
N VAL A 171 -0.57 35.06 -35.14
CA VAL A 171 -0.93 36.47 -35.38
C VAL A 171 -1.87 36.55 -36.57
N GLU A 172 -1.54 35.85 -37.64
CA GLU A 172 -2.39 35.89 -38.82
C GLU A 172 -3.79 35.40 -38.50
N ARG A 173 -3.90 34.33 -37.70
CA ARG A 173 -5.23 33.78 -37.42
C ARG A 173 -6.01 34.64 -36.43
N ILE A 174 -5.34 35.23 -35.43
CA ILE A 174 -6.04 36.17 -34.54
C ILE A 174 -6.63 37.32 -35.34
N PHE A 175 -5.81 37.88 -36.23
CA PHE A 175 -6.26 39.04 -37.03
C PHE A 175 -7.41 38.67 -37.96
N ALA A 176 -7.30 37.53 -38.62
CA ALA A 176 -8.39 37.05 -39.48
C ALA A 176 -9.69 36.86 -38.70
N ALA A 177 -9.61 36.31 -37.47
CA ALA A 177 -10.80 36.16 -36.64
C ALA A 177 -11.37 37.54 -36.25
N GLU A 178 -10.50 38.48 -35.88
CA GLU A 178 -11.01 39.81 -35.55
C GLU A 178 -11.65 40.46 -36.77
N MET A 179 -11.05 40.27 -37.95
CA MET A 179 -11.65 40.91 -39.12
C MET A 179 -12.92 40.23 -39.56
N ALA A 180 -13.22 39.05 -39.02
CA ALA A 180 -14.46 38.37 -39.35
C ALA A 180 -15.55 38.73 -38.34
N GLY A 181 -15.22 39.51 -37.32
CA GLY A 181 -16.21 39.90 -36.34
C GLY A 181 -16.18 39.14 -35.04
N ILE A 182 -15.17 38.31 -34.79
CA ILE A 182 -15.00 37.62 -33.51
C ILE A 182 -14.26 38.55 -32.57
N ASP A 183 -14.91 38.95 -31.48
CA ASP A 183 -14.27 39.84 -30.52
C ASP A 183 -12.98 39.22 -29.97
N LYS A 184 -11.94 40.04 -29.86
CA LYS A 184 -10.68 39.57 -29.30
C LYS A 184 -10.87 38.90 -27.95
N ARG A 185 -11.87 39.32 -27.17
CA ARG A 185 -12.05 38.73 -25.85
C ARG A 185 -12.55 37.30 -25.90
N ARG A 186 -12.87 36.80 -27.08
CA ARG A 186 -13.33 35.43 -27.26
C ARG A 186 -12.25 34.54 -27.88
N LEU A 187 -11.05 35.06 -28.08
CA LEU A 187 -9.99 34.30 -28.72
C LEU A 187 -9.01 33.72 -27.69
N LEU A 188 -8.54 32.50 -27.95
CA LEU A 188 -7.44 31.85 -27.25
C LEU A 188 -6.53 31.25 -28.31
N ILE A 189 -5.26 31.04 -28.00
CA ILE A 189 -4.35 30.40 -28.97
C ILE A 189 -3.66 29.20 -28.34
N ASP A 190 -3.18 28.29 -29.20
CA ASP A 190 -2.57 27.04 -28.76
C ASP A 190 -1.41 26.77 -29.70
N PRO A 191 -0.19 26.63 -29.19
CA PRO A 191 0.95 26.43 -30.09
C PRO A 191 0.93 25.08 -30.75
N GLY A 192 0.03 24.19 -30.31
CA GLY A 192 -0.11 22.92 -30.96
C GLY A 192 1.01 21.97 -30.67
N PHE A 193 1.33 21.80 -29.38
CA PHE A 193 2.26 20.75 -29.02
C PHE A 193 1.77 19.42 -29.55
N GLY A 194 2.69 18.59 -29.97
CA GLY A 194 2.23 17.29 -30.39
C GLY A 194 2.90 16.86 -31.66
N PHE A 195 2.19 16.08 -32.48
CA PHE A 195 2.84 15.38 -33.59
C PHE A 195 3.25 16.32 -34.73
N GLY A 196 2.66 17.52 -34.83
CA GLY A 196 3.16 18.41 -35.86
C GLY A 196 4.51 19.03 -35.57
N LYS A 197 5.19 18.58 -34.51
CA LYS A 197 6.51 19.08 -34.16
C LYS A 197 7.35 17.91 -33.67
N SER A 198 8.66 17.99 -33.94
CA SER A 198 9.58 17.01 -33.39
C SER A 198 9.70 17.23 -31.88
N THR A 199 10.29 16.26 -31.18
CA THR A 199 10.49 16.44 -29.76
C THR A 199 11.23 17.74 -29.48
N ALA A 200 12.32 17.96 -30.22
CA ALA A 200 13.12 19.16 -30.04
C ALA A 200 12.30 20.43 -30.28
N ASP A 201 11.46 20.45 -31.32
CA ASP A 201 10.65 21.63 -31.57
C ASP A 201 9.57 21.82 -30.50
N ASN A 202 9.00 20.71 -29.99
CA ASN A 202 8.06 20.86 -28.87
C ASN A 202 8.76 21.46 -27.65
N VAL A 203 9.97 21.00 -27.35
CA VAL A 203 10.70 21.56 -26.21
C VAL A 203 11.01 23.04 -26.44
N GLN A 204 11.36 23.39 -27.67
CA GLN A 204 11.59 24.80 -28.01
C GLN A 204 10.35 25.65 -27.74
N LEU A 205 9.17 25.19 -28.17
CA LEU A 205 7.96 25.97 -27.95
C LEU A 205 7.64 26.12 -26.46
N LEU A 206 7.93 25.09 -25.66
CA LEU A 206 7.67 25.17 -24.22
C LEU A 206 8.62 26.15 -23.56
N ALA A 207 9.90 26.07 -23.91
CA ALA A 207 10.88 26.97 -23.32
C ALA A 207 10.55 28.41 -23.64
N HIS A 208 10.10 28.65 -24.88
CA HIS A 208 9.84 29.99 -25.37
C HIS A 208 8.37 30.36 -25.30
N LEU A 209 7.58 29.60 -24.53
CA LEU A 209 6.16 29.92 -24.44
C LEU A 209 5.85 31.33 -23.94
N PRO A 210 6.65 31.97 -23.06
CA PRO A 210 6.26 33.31 -22.64
C PRO A 210 6.13 34.26 -23.82
N ARG A 211 6.89 34.03 -24.89
CA ARG A 211 6.82 34.88 -26.07
C ARG A 211 5.47 34.79 -26.76
N LEU A 212 4.80 33.64 -26.67
CA LEU A 212 3.48 33.52 -27.27
C LEU A 212 2.39 34.07 -26.37
N CYS A 213 2.69 34.29 -25.07
CA CYS A 213 1.71 34.82 -24.12
C CYS A 213 1.57 36.33 -24.23
N GLU A 214 2.35 36.97 -25.13
CA GLU A 214 2.36 38.41 -25.32
C GLU A 214 1.57 38.84 -26.57
N LEU A 215 0.58 38.04 -26.99
CA LEU A 215 -0.28 38.38 -28.11
C LEU A 215 -1.64 38.90 -27.66
N GLY A 216 -1.78 39.15 -26.36
CA GLY A 216 -2.99 39.73 -25.80
C GLY A 216 -4.11 38.74 -25.65
N VAL A 217 -3.85 37.46 -25.87
CA VAL A 217 -4.90 36.44 -25.75
C VAL A 217 -4.40 35.31 -24.86
N PRO A 218 -5.28 34.66 -24.12
CA PRO A 218 -4.85 33.51 -23.28
C PRO A 218 -4.27 32.37 -24.12
N VAL A 219 -3.30 31.63 -23.55
CA VAL A 219 -2.65 30.54 -24.26
C VAL A 219 -3.07 29.22 -23.61
N LEU A 220 -3.44 28.24 -24.45
CA LEU A 220 -3.75 26.87 -24.00
C LEU A 220 -2.56 26.00 -24.34
N ALA A 221 -2.10 25.21 -23.36
CA ALA A 221 -1.03 24.28 -23.58
C ALA A 221 -1.60 22.86 -23.39
N GLY A 222 -1.33 22.01 -24.36
CA GLY A 222 -1.76 20.62 -24.31
C GLY A 222 -0.62 19.70 -24.66
N LEU A 223 0.05 19.18 -23.63
CA LEU A 223 1.13 18.22 -23.78
C LEU A 223 0.77 16.86 -23.19
N SER A 224 -0.51 16.62 -22.94
CA SER A 224 -0.87 15.45 -22.14
C SER A 224 -0.58 14.14 -22.86
N ARG A 225 0.32 13.33 -22.25
CA ARG A 225 0.67 11.99 -22.69
C ARG A 225 1.19 11.98 -24.12
N LYS A 226 1.76 13.10 -24.56
CA LYS A 226 2.17 13.19 -25.95
C LYS A 226 3.48 12.45 -26.19
N ARG A 227 3.72 12.11 -27.45
CA ARG A 227 4.92 11.32 -27.79
C ARG A 227 6.21 12.03 -27.36
N SER A 228 6.27 13.37 -27.49
CA SER A 228 7.49 14.10 -27.13
C SER A 228 7.83 13.93 -25.66
N ILE A 229 6.83 13.99 -24.77
CA ILE A 229 7.10 13.69 -23.35
C ILE A 229 7.58 12.27 -23.19
N GLY A 230 6.94 11.33 -23.88
CA GLY A 230 7.40 9.94 -23.84
C GLY A 230 8.83 9.79 -24.32
N GLU A 231 9.21 10.54 -25.38
CA GLU A 231 10.57 10.43 -25.89
C GLU A 231 11.58 11.02 -24.88
N LEU A 232 11.22 12.13 -24.24
CA LEU A 232 12.12 12.73 -23.25
C LEU A 232 12.36 11.79 -22.07
N THR A 233 11.34 11.03 -21.68
CA THR A 233 11.41 10.26 -20.45
C THR A 233 11.57 8.76 -20.65
N GLY A 234 11.53 8.28 -21.89
CA GLY A 234 11.59 6.86 -22.17
C GLY A 234 10.34 6.10 -21.78
N ARG A 235 9.19 6.77 -21.81
CA ARG A 235 7.92 6.14 -21.43
C ARG A 235 7.08 5.90 -22.70
N GLU A 236 6.95 4.62 -23.08
CA GLU A 236 6.37 4.26 -24.38
C GLU A 236 4.84 4.36 -24.39
N LEU A 237 4.18 4.01 -23.30
CA LEU A 237 2.73 3.96 -23.36
C LEU A 237 2.12 5.22 -22.78
N PRO A 238 0.95 5.66 -23.28
CA PRO A 238 0.37 6.93 -22.79
C PRO A 238 0.19 7.02 -21.27
N GLU A 239 -0.25 5.93 -20.59
CA GLU A 239 -0.42 6.08 -19.15
C GLU A 239 0.91 6.05 -18.42
N GLN A 240 2.00 5.69 -19.09
CA GLN A 240 3.32 5.77 -18.41
C GLN A 240 3.84 7.19 -18.45
N ARG A 241 3.20 8.08 -19.22
CA ARG A 241 3.70 9.44 -19.43
C ARG A 241 3.09 10.44 -18.45
N VAL A 242 2.35 9.97 -17.45
CA VAL A 242 1.55 10.89 -16.63
C VAL A 242 2.47 11.84 -15.85
N ALA A 243 3.46 11.30 -15.12
CA ALA A 243 4.33 12.19 -14.35
C ALA A 243 5.02 13.23 -15.23
N GLY A 244 5.59 12.80 -16.36
CA GLY A 244 6.21 13.77 -17.25
C GLY A 244 5.22 14.79 -17.80
N SER A 245 3.94 14.38 -18.04
CA SER A 245 2.92 15.32 -18.55
C SER A 245 2.53 16.35 -17.51
N VAL A 246 2.35 15.91 -16.24
CA VAL A 246 2.00 16.86 -15.19
C VAL A 246 3.12 17.86 -15.03
N ALA A 247 4.37 17.39 -15.13
CA ALA A 247 5.53 18.28 -15.03
C ALA A 247 5.53 19.29 -16.17
N ALA A 248 5.26 18.82 -17.40
CA ALA A 248 5.22 19.72 -18.56
C ALA A 248 4.15 20.79 -18.39
N HIS A 249 2.98 20.41 -17.87
CA HIS A 249 1.91 21.38 -17.68
C HIS A 249 2.19 22.36 -16.58
N LEU A 250 2.86 21.93 -15.50
CA LEU A 250 3.26 22.92 -14.51
C LEU A 250 4.25 23.91 -15.11
N LEU A 251 5.23 23.41 -15.89
CA LEU A 251 6.17 24.32 -16.55
C LEU A 251 5.43 25.25 -17.50
N ALA A 252 4.45 24.71 -18.22
CA ALA A 252 3.72 25.59 -19.14
C ALA A 252 2.99 26.67 -18.36
N ALA A 253 2.39 26.32 -17.22
CA ALA A 253 1.69 27.32 -16.43
C ALA A 253 2.67 28.36 -15.89
N GLN A 254 3.86 27.92 -15.50
CA GLN A 254 4.85 28.87 -14.99
C GLN A 254 5.26 29.86 -16.06
N ARG A 255 5.21 29.43 -17.31
CA ARG A 255 5.62 30.23 -18.45
C ARG A 255 4.46 30.96 -19.10
N GLY A 256 3.30 30.99 -18.47
CA GLY A 256 2.22 31.86 -18.88
C GLY A 256 0.96 31.19 -19.37
N ALA A 257 0.94 29.86 -19.58
CA ALA A 257 -0.27 29.23 -20.11
C ALA A 257 -1.40 29.41 -19.10
N LEU A 258 -2.59 29.74 -19.58
CA LEU A 258 -3.73 29.91 -18.69
C LEU A 258 -4.75 28.78 -18.84
N LEU A 259 -4.63 27.92 -19.84
CA LEU A 259 -5.47 26.73 -19.90
C LEU A 259 -4.58 25.55 -20.16
N LEU A 260 -4.84 24.43 -19.47
CA LEU A 260 -4.07 23.22 -19.64
C LEU A 260 -5.02 22.09 -20.05
N ARG A 261 -4.76 21.49 -21.20
CA ARG A 261 -5.66 20.46 -21.73
C ARG A 261 -5.08 19.10 -21.39
N VAL A 262 -5.75 18.37 -20.48
CA VAL A 262 -5.12 17.19 -19.90
C VAL A 262 -6.08 16.01 -19.78
N HIS A 263 -5.46 14.83 -19.78
CA HIS A 263 -6.13 13.59 -19.37
C HIS A 263 -6.17 13.43 -17.86
N ASP A 264 -5.06 13.77 -17.18
CA ASP A 264 -4.87 13.47 -15.77
C ASP A 264 -5.23 14.68 -14.92
N VAL A 265 -6.54 14.85 -14.74
CA VAL A 265 -7.09 16.05 -14.13
C VAL A 265 -6.70 16.15 -12.66
N ALA A 266 -6.99 15.10 -11.86
CA ALA A 266 -6.68 15.19 -10.42
C ALA A 266 -5.21 15.48 -10.18
N ALA A 267 -4.33 14.80 -10.93
CA ALA A 267 -2.91 15.01 -10.72
C ALA A 267 -2.50 16.42 -11.07
N THR A 268 -3.05 16.92 -12.18
CA THR A 268 -2.69 18.28 -12.60
C THR A 268 -3.22 19.32 -11.64
N VAL A 269 -4.44 19.11 -11.15
CA VAL A 269 -5.03 20.02 -10.17
C VAL A 269 -4.17 20.04 -8.92
N ASP A 270 -3.70 18.88 -8.50
CA ASP A 270 -2.81 18.78 -7.32
C ASP A 270 -1.52 19.57 -7.55
N ALA A 271 -0.85 19.38 -8.68
CA ALA A 271 0.39 20.11 -8.94
C ALA A 271 0.18 21.62 -9.01
N LEU A 272 -0.89 22.03 -9.69
CA LEU A 272 -1.15 23.47 -9.78
C LEU A 272 -1.47 24.07 -8.42
N THR A 273 -2.11 23.30 -7.55
CA THR A 273 -2.49 23.79 -6.24
C THR A 273 -1.25 24.03 -5.39
N VAL A 274 -0.28 23.12 -5.44
CA VAL A 274 0.97 23.33 -4.71
C VAL A 274 1.73 24.54 -5.28
N TRP A 275 1.76 24.66 -6.63
CA TRP A 275 2.43 25.82 -7.24
C TRP A 275 1.74 27.12 -6.83
N GLN A 276 0.41 27.14 -6.82
CA GLN A 276 -0.28 28.37 -6.45
C GLN A 276 0.02 28.78 -5.02
N ALA A 277 0.17 27.81 -4.11
CA ALA A 277 0.50 28.14 -2.74
C ALA A 277 1.87 28.79 -2.65
N VAL A 278 2.84 28.27 -3.41
CA VAL A 278 4.20 28.81 -3.39
C VAL A 278 4.24 30.18 -4.08
N GLN A 279 3.58 30.31 -5.22
CA GLN A 279 3.57 31.56 -5.97
C GLN A 279 2.91 32.69 -5.19
N ALA A 280 1.98 32.36 -4.30
CA ALA A 280 1.25 33.36 -3.54
C ALA A 280 2.08 33.99 -2.42
N VAL A 281 3.30 33.52 -2.20
CA VAL A 281 4.16 34.10 -1.17
C VAL A 281 4.95 35.25 -1.79
N PRO A 282 4.88 36.46 -1.24
CA PRO A 282 5.73 37.59 -1.65
C PRO A 282 7.18 37.36 -1.22
N SER B 5 31.48 21.18 -10.65
CA SER B 5 30.32 20.72 -9.88
C SER B 5 30.75 19.94 -8.63
N PRO B 6 30.02 20.14 -7.52
CA PRO B 6 30.32 19.41 -6.28
C PRO B 6 30.28 17.90 -6.46
N ARG B 7 31.32 17.25 -5.97
CA ARG B 7 31.47 15.79 -5.99
C ARG B 7 31.52 15.29 -4.56
N LEU B 8 30.60 14.42 -4.19
CA LEU B 8 30.57 13.85 -2.85
C LEU B 8 31.17 12.44 -2.87
N ASP B 9 32.18 12.23 -2.02
CA ASP B 9 32.83 10.94 -1.90
C ASP B 9 32.10 10.19 -0.80
N CYS B 10 31.19 9.30 -1.18
CA CYS B 10 30.45 8.51 -0.20
C CYS B 10 31.10 7.13 -0.13
N ALA B 11 32.23 7.04 0.58
CA ALA B 11 32.94 5.78 0.77
C ALA B 11 33.29 5.11 -0.57
N GLY B 12 33.84 5.90 -1.49
CA GLY B 12 34.26 5.40 -2.77
C GLY B 12 33.22 5.56 -3.85
N ARG B 13 31.96 5.75 -3.47
CA ARG B 13 30.87 5.98 -4.41
C ARG B 13 30.64 7.48 -4.54
N ILE B 14 30.84 8.00 -5.74
CA ILE B 14 30.85 9.45 -5.93
C ILE B 14 29.46 9.91 -6.34
N LEU B 15 28.97 10.94 -5.65
CA LEU B 15 27.71 11.58 -5.94
C LEU B 15 28.08 12.94 -6.48
N THR B 16 27.83 13.15 -7.76
CA THR B 16 28.17 14.40 -8.43
C THR B 16 26.91 15.25 -8.50
N LEU B 17 26.97 16.43 -7.91
CA LEU B 17 25.79 17.29 -7.85
C LEU B 17 25.82 18.34 -8.94
N ASP B 18 26.02 17.91 -10.18
CA ASP B 18 25.93 18.80 -11.33
C ASP B 18 24.48 19.09 -11.71
N ARG B 19 23.53 18.38 -11.12
CA ARG B 19 22.10 18.54 -11.32
C ARG B 19 21.42 18.03 -10.08
N PRO B 20 20.13 18.33 -9.89
CA PRO B 20 19.42 17.81 -8.71
C PRO B 20 19.42 16.28 -8.71
N ARG B 21 19.76 15.68 -7.56
CA ARG B 21 19.84 14.23 -7.46
C ARG B 21 18.73 13.70 -6.56
N VAL B 22 18.30 12.47 -6.84
CA VAL B 22 17.13 11.90 -6.18
C VAL B 22 17.60 10.90 -5.14
N MET B 23 17.19 11.14 -3.89
CA MET B 23 17.49 10.28 -2.75
C MET B 23 16.25 9.46 -2.46
N GLY B 24 16.32 8.15 -2.73
CA GLY B 24 15.16 7.30 -2.48
C GLY B 24 15.04 6.89 -1.02
N ILE B 25 13.81 6.99 -0.50
CA ILE B 25 13.56 6.69 0.90
C ILE B 25 13.38 5.19 1.11
N VAL B 26 14.22 4.61 1.99
CA VAL B 26 14.13 3.20 2.32
C VAL B 26 13.91 3.11 3.83
N ASN B 27 12.65 2.99 4.25
CA ASN B 27 12.33 2.86 5.67
C ASN B 27 12.34 1.39 6.07
N VAL B 28 12.98 1.10 7.21
CA VAL B 28 13.12 -0.26 7.71
C VAL B 28 12.29 -0.36 8.98
N THR B 29 10.98 -0.37 8.81
CA THR B 29 10.09 -0.44 9.96
C THR B 29 9.04 -1.50 9.68
N PRO B 30 8.71 -2.32 10.65
CA PRO B 30 7.62 -3.29 10.44
C PRO B 30 6.32 -2.66 9.97
N ASP B 31 6.03 -1.43 10.41
CA ASP B 31 4.82 -0.72 9.98
C ASP B 31 4.89 -0.26 8.53
N SER B 32 6.07 -0.22 7.92
CA SER B 32 6.20 0.26 6.55
C SER B 32 5.85 -0.80 5.51
N PHE B 33 5.54 -2.03 5.93
CA PHE B 33 5.22 -3.11 5.00
C PHE B 33 3.99 -3.87 5.48
N SER B 34 3.26 -4.45 4.52
CA SER B 34 2.06 -5.23 4.79
C SER B 34 2.23 -6.72 4.57
N ASP B 35 3.35 -7.13 3.99
CA ASP B 35 3.62 -8.52 3.67
C ASP B 35 4.39 -9.26 4.78
N GLY B 36 4.33 -8.77 6.01
CA GLY B 36 5.10 -9.34 7.10
C GLY B 36 4.70 -10.76 7.47
N GLY B 37 3.51 -11.22 7.05
CA GLY B 37 3.13 -12.60 7.34
C GLY B 37 4.12 -13.60 6.79
N THR B 38 4.78 -13.28 5.66
CA THR B 38 5.67 -14.23 5.04
C THR B 38 7.01 -13.63 4.65
N HIS B 39 7.25 -12.35 4.99
CA HIS B 39 8.52 -11.67 4.70
C HIS B 39 9.13 -11.10 5.96
N THR B 40 10.46 -10.98 5.95
CA THR B 40 11.10 -10.23 7.02
C THR B 40 11.10 -8.74 6.68
N THR B 41 11.19 -7.94 7.74
CA THR B 41 11.27 -6.48 7.54
C THR B 41 12.51 -6.10 6.73
N VAL B 42 13.66 -6.72 7.05
CA VAL B 42 14.91 -6.44 6.33
C VAL B 42 14.78 -6.80 4.86
N GLU B 43 14.24 -8.00 4.55
CA GLU B 43 14.18 -8.39 3.15
C GLU B 43 13.24 -7.51 2.36
N ALA B 44 12.15 -7.05 2.99
CA ALA B 44 11.23 -6.17 2.28
C ALA B 44 11.90 -4.82 2.01
N ALA B 45 12.71 -4.33 2.96
CA ALA B 45 13.40 -3.04 2.78
C ALA B 45 14.47 -3.12 1.71
N VAL B 46 15.21 -4.23 1.66
CA VAL B 46 16.23 -4.41 0.64
C VAL B 46 15.59 -4.46 -0.74
N ALA B 47 14.51 -5.24 -0.87
CA ALA B 47 13.81 -5.33 -2.14
C ALA B 47 13.32 -3.96 -2.57
N HIS B 48 12.81 -3.18 -1.61
CA HIS B 48 12.36 -1.83 -1.94
C HIS B 48 13.51 -0.93 -2.40
N GLY B 49 14.63 -0.96 -1.69
CA GLY B 49 15.79 -0.18 -2.14
C GLY B 49 16.24 -0.54 -3.53
N LEU B 50 16.23 -1.83 -3.86
CA LEU B 50 16.60 -2.25 -5.21
C LEU B 50 15.60 -1.78 -6.24
N ARG B 51 14.32 -1.77 -5.91
CA ARG B 51 13.33 -1.20 -6.83
C ARG B 51 13.59 0.30 -7.05
N LEU B 52 13.94 1.03 -5.98
CA LEU B 52 14.18 2.47 -6.17
C LEU B 52 15.44 2.72 -6.97
N ALA B 53 16.44 1.87 -6.80
CA ALA B 53 17.62 1.96 -7.66
C ALA B 53 17.25 1.74 -9.11
N GLU B 54 16.38 0.75 -9.38
CA GLU B 54 15.94 0.48 -10.76
C GLU B 54 15.15 1.65 -11.34
N GLU B 55 14.45 2.41 -10.50
CA GLU B 55 13.67 3.58 -10.93
C GLU B 55 14.52 4.82 -11.13
N GLY B 56 15.80 4.74 -10.88
CA GLY B 56 16.69 5.84 -11.19
C GLY B 56 17.18 6.63 -10.01
N ALA B 57 17.03 6.11 -8.78
CA ALA B 57 17.54 6.82 -7.63
C ALA B 57 19.04 7.01 -7.79
N ASP B 58 19.52 8.16 -7.35
CA ASP B 58 20.95 8.44 -7.33
C ASP B 58 21.62 8.01 -6.04
N LEU B 59 20.83 7.82 -4.98
CA LEU B 59 21.33 7.38 -3.68
C LEU B 59 20.12 6.87 -2.92
N LEU B 60 20.37 6.06 -1.88
CA LEU B 60 19.30 5.50 -1.06
C LEU B 60 19.50 5.95 0.37
N ASP B 61 18.42 6.30 1.05
CA ASP B 61 18.49 6.77 2.44
C ASP B 61 17.79 5.74 3.33
N ILE B 62 18.57 5.04 4.15
CA ILE B 62 18.09 3.89 4.91
C ILE B 62 17.89 4.33 6.35
N GLY B 63 16.66 4.20 6.85
CA GLY B 63 16.35 4.64 8.20
C GLY B 63 15.55 3.66 9.01
N GLY B 64 15.86 3.50 10.30
CA GLY B 64 15.10 2.54 11.08
C GLY B 64 14.31 3.12 12.24
N GLU B 65 14.24 4.45 12.34
CA GLU B 65 13.51 5.10 13.40
C GLU B 65 12.67 6.20 12.78
N SER B 66 11.38 6.19 13.07
CA SER B 66 10.48 7.18 12.48
C SER B 66 10.40 8.38 13.41
N THR B 67 10.60 9.56 12.82
CA THR B 67 10.56 10.81 13.59
C THR B 67 9.29 11.60 13.31
N ARG B 68 8.34 11.00 12.57
CA ARG B 68 7.00 11.51 12.31
C ARG B 68 6.30 11.88 13.62
N PRO B 69 5.20 12.64 13.59
CA PRO B 69 4.63 13.15 14.86
C PRO B 69 4.05 12.03 15.71
N GLY B 70 4.55 11.93 16.95
CA GLY B 70 4.03 10.98 17.91
C GLY B 70 4.60 9.59 17.85
N ALA B 71 5.72 9.37 17.14
CA ALA B 71 6.33 8.05 17.11
C ALA B 71 7.03 7.75 18.44
N THR B 72 6.90 6.49 18.87
CA THR B 72 7.65 6.00 20.03
C THR B 72 9.13 5.83 19.65
N ALA B 73 10.02 6.29 20.55
CA ALA B 73 11.45 6.18 20.29
C ALA B 73 11.85 4.72 20.10
N VAL B 74 12.82 4.50 19.23
CA VAL B 74 13.31 3.16 18.92
C VAL B 74 14.62 2.93 19.65
N PRO B 75 14.76 1.85 20.42
CA PRO B 75 16.00 1.60 21.15
C PRO B 75 17.14 1.31 20.18
N VAL B 76 18.36 1.74 20.57
CA VAL B 76 19.53 1.63 19.69
C VAL B 76 19.72 0.19 19.19
N GLU B 77 19.58 -0.81 20.09
CA GLU B 77 19.75 -2.19 19.63
C GLU B 77 18.74 -2.54 18.54
N GLU B 78 17.50 -2.06 18.67
CA GLU B 78 16.51 -2.34 17.63
C GLU B 78 16.78 -1.54 16.35
N GLU B 79 17.23 -0.27 16.47
CA GLU B 79 17.59 0.51 15.29
C GLU B 79 18.72 -0.18 14.53
N LEU B 80 19.71 -0.69 15.27
CA LEU B 80 20.81 -1.41 14.63
C LEU B 80 20.34 -2.68 13.96
N ARG B 81 19.45 -3.43 14.61
CA ARG B 81 18.94 -4.68 14.07
C ARG B 81 18.14 -4.46 12.78
N ARG B 82 17.60 -3.26 12.59
CA ARG B 82 16.86 -2.89 11.38
C ARG B 82 17.80 -2.40 10.28
N VAL B 83 18.65 -1.42 10.58
CA VAL B 83 19.36 -0.74 9.49
C VAL B 83 20.62 -1.49 9.08
N ILE B 84 21.38 -2.10 10.01
CA ILE B 84 22.64 -2.69 9.61
C ILE B 84 22.45 -3.82 8.60
N PRO B 85 21.54 -4.78 8.81
CA PRO B 85 21.39 -5.84 7.80
C PRO B 85 20.96 -5.30 6.46
N VAL B 86 20.18 -4.22 6.44
CA VAL B 86 19.72 -3.66 5.16
C VAL B 86 20.90 -3.02 4.43
N ILE B 87 21.74 -2.26 5.17
CA ILE B 87 22.93 -1.65 4.57
C ILE B 87 23.88 -2.73 4.05
N GLU B 88 24.13 -3.77 4.86
CA GLU B 88 25.04 -4.82 4.43
C GLU B 88 24.59 -5.46 3.13
N ARG B 89 23.28 -5.70 3.01
CA ARG B 89 22.77 -6.35 1.81
C ARG B 89 22.80 -5.40 0.61
N LEU B 90 22.46 -4.13 0.83
CA LEU B 90 22.39 -3.20 -0.30
C LEU B 90 23.78 -2.85 -0.81
N VAL B 91 24.81 -2.82 0.07
CA VAL B 91 26.16 -2.50 -0.42
C VAL B 91 26.66 -3.57 -1.36
N ALA B 92 26.21 -4.79 -1.17
CA ALA B 92 26.62 -5.90 -2.01
C ALA B 92 25.83 -5.97 -3.31
N GLN B 93 24.60 -5.48 -3.32
CA GLN B 93 23.72 -5.70 -4.45
C GLN B 93 23.44 -4.47 -5.30
N THR B 94 23.90 -3.30 -4.89
CA THR B 94 23.78 -2.12 -5.75
C THR B 94 25.10 -1.37 -5.72
N ALA B 95 25.35 -0.59 -6.76
CA ALA B 95 26.53 0.23 -6.79
C ALA B 95 26.23 1.66 -6.35
N LEU B 96 25.01 1.92 -5.88
CA LEU B 96 24.61 3.26 -5.51
C LEU B 96 25.19 3.67 -4.16
N PRO B 97 25.42 4.97 -3.98
CA PRO B 97 25.75 5.49 -2.64
C PRO B 97 24.59 5.26 -1.67
N LEU B 98 24.92 4.97 -0.40
CA LEU B 98 23.92 4.71 0.62
C LEU B 98 24.09 5.69 1.78
N SER B 99 23.00 6.30 2.22
CA SER B 99 22.97 7.18 3.39
C SER B 99 22.19 6.51 4.53
N VAL B 100 22.56 6.79 5.78
CA VAL B 100 21.83 6.30 6.95
C VAL B 100 21.13 7.46 7.63
N ASP B 101 19.85 7.31 7.89
CA ASP B 101 19.01 8.32 8.53
C ASP B 101 18.94 7.99 10.01
N THR B 102 19.75 8.66 10.82
CA THR B 102 19.79 8.38 12.25
C THR B 102 20.34 9.62 12.94
N PHE B 103 19.98 9.80 14.21
CA PHE B 103 20.60 10.85 15.02
C PHE B 103 21.51 10.28 16.11
N LYS B 104 21.70 8.96 16.17
CA LYS B 104 22.42 8.30 17.24
C LYS B 104 23.86 8.02 16.83
N PRO B 105 24.86 8.49 17.59
CA PRO B 105 26.26 8.27 17.18
C PRO B 105 26.62 6.81 17.00
N GLU B 106 26.05 5.93 17.84
CA GLU B 106 26.37 4.50 17.76
C GLU B 106 25.94 3.90 16.43
N VAL B 107 24.79 4.34 15.92
CA VAL B 107 24.30 3.84 14.63
C VAL B 107 25.12 4.42 13.49
N MET B 108 25.53 5.68 13.61
CA MET B 108 26.37 6.25 12.57
C MET B 108 27.66 5.44 12.39
N ARG B 109 28.36 5.13 13.49
CA ARG B 109 29.58 4.38 13.32
C ARG B 109 29.34 2.98 12.78
N ALA B 110 28.34 2.27 13.31
CA ALA B 110 28.08 0.93 12.81
C ALA B 110 27.67 0.94 11.34
N ALA B 111 26.88 1.94 10.95
CA ALA B 111 26.36 1.98 9.58
C ALA B 111 27.49 2.18 8.57
N VAL B 112 28.41 3.08 8.87
CA VAL B 112 29.55 3.31 7.98
C VAL B 112 30.44 2.07 7.90
N ALA B 113 30.63 1.37 9.03
CA ALA B 113 31.41 0.13 8.96
C ALA B 113 30.74 -0.92 8.10
N ALA B 114 29.40 -0.93 8.03
CA ALA B 114 28.65 -1.87 7.22
C ALA B 114 28.57 -1.47 5.76
N GLY B 115 28.97 -0.25 5.41
CA GLY B 115 28.98 0.12 4.01
C GLY B 115 28.32 1.44 3.66
N ALA B 116 27.73 2.11 4.64
CA ALA B 116 27.09 3.40 4.37
C ALA B 116 28.15 4.43 4.03
N GLY B 117 27.76 5.36 3.18
CA GLY B 117 28.74 6.36 2.79
C GLY B 117 28.29 7.76 3.12
N MET B 118 27.23 7.88 3.90
CA MET B 118 26.66 9.20 4.16
C MET B 118 25.70 9.11 5.35
N ILE B 119 25.54 10.22 6.06
CA ILE B 119 24.70 10.27 7.26
C ILE B 119 23.69 11.40 7.13
N ASN B 120 22.39 11.09 7.34
CA ASN B 120 21.31 12.08 7.30
C ASN B 120 20.78 12.27 8.74
N ASP B 121 21.12 13.40 9.41
CA ASP B 121 20.78 13.55 10.83
C ASP B 121 19.69 14.59 11.10
N VAL B 122 18.52 14.11 11.56
CA VAL B 122 17.42 15.04 11.85
C VAL B 122 17.68 15.96 13.04
N GLN B 123 18.55 15.60 13.98
CA GLN B 123 18.75 16.47 15.13
C GLN B 123 19.90 17.43 14.94
N ALA B 124 20.51 17.42 13.75
CA ALA B 124 21.58 18.37 13.40
C ALA B 124 22.70 18.29 14.42
N LEU B 125 22.99 17.07 14.82
CA LEU B 125 24.10 16.74 15.74
C LEU B 125 23.93 17.33 17.14
N ARG B 126 22.69 17.55 17.58
CA ARG B 126 22.52 18.00 18.96
C ARG B 126 22.58 16.83 19.93
N GLN B 127 22.61 15.60 19.42
CA GLN B 127 22.83 14.41 20.25
C GLN B 127 24.27 14.36 20.76
N PRO B 128 24.49 14.17 22.06
CA PRO B 128 25.88 14.11 22.56
C PRO B 128 26.66 12.99 21.89
N GLY B 129 27.80 13.36 21.33
CA GLY B 129 28.67 12.45 20.63
C GLY B 129 28.50 12.48 19.14
N ALA B 130 27.39 13.06 18.67
CA ALA B 130 27.13 13.06 17.22
C ALA B 130 28.15 13.93 16.49
N LEU B 131 28.45 15.13 17.04
CA LEU B 131 29.45 16.00 16.41
C LEU B 131 30.78 15.29 16.38
N ASP B 132 31.15 14.70 17.50
CA ASP B 132 32.39 13.96 17.58
C ASP B 132 32.37 12.77 16.62
N ALA B 133 31.23 12.06 16.53
CA ALA B 133 31.10 10.95 15.58
C ALA B 133 31.25 11.46 14.15
N VAL B 134 30.50 12.51 13.83
CA VAL B 134 30.54 12.97 12.45
C VAL B 134 31.93 13.50 12.11
N ALA B 135 32.54 14.24 13.03
CA ALA B 135 33.90 14.72 12.81
C ALA B 135 34.85 13.55 12.67
N ASP B 136 34.66 12.50 13.48
CA ASP B 136 35.50 11.32 13.41
C ASP B 136 35.29 10.54 12.13
N LEU B 137 34.02 10.42 11.71
CA LEU B 137 33.68 9.53 10.61
C LEU B 137 34.01 10.12 9.25
N ARG B 138 33.94 11.44 9.12
CA ARG B 138 34.34 12.16 7.89
C ARG B 138 33.62 11.65 6.62
N VAL B 139 32.34 11.33 6.73
CA VAL B 139 31.54 10.99 5.54
C VAL B 139 30.70 12.23 5.31
N PRO B 140 30.06 12.44 4.14
CA PRO B 140 29.16 13.58 4.03
C PRO B 140 28.04 13.44 5.04
N VAL B 141 27.55 14.57 5.53
CA VAL B 141 26.51 14.57 6.55
C VAL B 141 25.48 15.64 6.20
N VAL B 142 24.18 15.26 6.30
CA VAL B 142 23.10 16.22 6.10
C VAL B 142 22.70 16.76 7.46
N LEU B 143 22.79 18.08 7.60
CA LEU B 143 22.40 18.79 8.82
C LEU B 143 21.00 19.32 8.62
N MET B 144 20.06 18.77 9.34
CA MET B 144 18.66 19.11 9.16
C MET B 144 18.18 20.02 10.28
N HIS B 145 17.19 20.85 9.98
CA HIS B 145 16.60 21.72 10.98
C HIS B 145 15.37 21.11 11.61
N MET B 146 15.34 21.11 12.93
CA MET B 146 14.17 20.67 13.65
C MET B 146 14.02 21.47 14.95
N PRO B 147 12.79 21.84 15.35
CA PRO B 147 12.66 22.54 16.63
C PRO B 147 12.73 21.59 17.84
N PRO B 157 3.98 24.14 16.53
CA PRO B 157 4.64 25.29 17.18
C PRO B 157 4.51 26.56 16.35
N HIS B 158 4.60 27.72 16.99
CA HIS B 158 4.47 29.03 16.35
C HIS B 158 5.80 29.74 16.21
N TYR B 159 5.98 30.41 15.08
CA TYR B 159 7.14 31.24 14.76
C TYR B 159 6.69 32.68 14.54
N ASP B 160 7.61 33.62 14.77
CA ASP B 160 7.39 34.99 14.34
C ASP B 160 7.74 35.19 12.86
N ASP B 161 8.87 34.62 12.41
CA ASP B 161 9.33 34.67 11.02
C ASP B 161 10.07 33.36 10.76
N VAL B 162 9.33 32.35 10.28
CA VAL B 162 9.86 30.98 10.21
C VAL B 162 11.12 30.90 9.34
N VAL B 163 11.18 31.65 8.23
CA VAL B 163 12.34 31.53 7.35
C VAL B 163 13.61 32.03 8.02
N ALA B 164 13.53 33.17 8.72
CA ALA B 164 14.72 33.70 9.40
C ALA B 164 15.12 32.82 10.57
N GLU B 165 14.13 32.36 11.35
CA GLU B 165 14.41 31.52 12.49
C GLU B 165 15.04 30.19 12.04
N VAL B 166 14.48 29.59 11.00
CA VAL B 166 15.11 28.38 10.47
C VAL B 166 16.49 28.71 9.92
N HIS B 167 16.61 29.86 9.27
CA HIS B 167 17.90 30.31 8.76
C HIS B 167 18.89 30.51 9.90
N ARG B 168 18.45 31.18 10.97
CA ARG B 168 19.34 31.40 12.11
C ARG B 168 19.81 30.08 12.69
N PHE B 169 18.86 29.19 13.01
CA PHE B 169 19.20 27.88 13.56
C PHE B 169 20.14 27.13 12.64
N LEU B 170 19.85 27.14 11.34
CA LEU B 170 20.71 26.44 10.39
C LEU B 170 22.10 27.08 10.32
N VAL B 171 22.20 28.40 10.54
CA VAL B 171 23.51 29.03 10.60
C VAL B 171 24.28 28.56 11.82
N GLU B 172 23.62 28.58 12.99
CA GLU B 172 24.26 28.18 14.24
C GLU B 172 24.76 26.73 14.15
N ARG B 173 23.97 25.83 13.53
CA ARG B 173 24.41 24.45 13.45
C ARG B 173 25.55 24.29 12.44
N ILE B 174 25.55 25.09 11.37
CA ILE B 174 26.72 25.09 10.50
C ILE B 174 27.92 25.58 11.30
N PHE B 175 27.70 26.62 12.13
CA PHE B 175 28.78 27.14 12.98
C PHE B 175 29.14 26.15 14.09
N ALA B 176 28.12 25.56 14.72
CA ALA B 176 28.36 24.53 15.74
C ALA B 176 29.12 23.35 15.16
N ALA B 177 28.69 22.86 13.99
CA ALA B 177 29.42 21.80 13.32
C ALA B 177 30.81 22.26 12.97
N GLU B 178 30.93 23.51 12.49
CA GLU B 178 32.21 24.02 12.07
C GLU B 178 33.23 23.94 13.19
N MET B 179 34.43 23.51 12.80
CA MET B 179 35.55 23.46 13.72
C MET B 179 35.31 22.34 14.70
N ALA B 180 35.09 21.15 14.14
CA ALA B 180 35.37 19.90 14.82
C ALA B 180 36.11 18.98 13.87
N GLY B 181 36.48 19.45 12.68
CA GLY B 181 37.07 18.63 11.66
C GLY B 181 36.02 18.23 10.68
N ILE B 182 34.81 18.75 10.89
CA ILE B 182 33.74 18.58 9.95
C ILE B 182 34.03 19.63 8.87
N ASP B 183 34.61 19.14 7.78
CA ASP B 183 34.92 20.00 6.67
C ASP B 183 33.61 20.62 6.16
N LYS B 184 33.64 21.92 5.86
N LYS B 184 33.64 21.91 5.85
CA LYS B 184 32.44 22.57 5.34
CA LYS B 184 32.43 22.55 5.36
C LYS B 184 31.97 21.93 4.04
C LYS B 184 31.97 21.93 4.04
N ARG B 185 32.88 21.25 3.32
CA ARG B 185 32.51 20.54 2.09
C ARG B 185 31.73 19.28 2.33
N ARG B 186 31.51 18.89 3.57
CA ARG B 186 30.69 17.73 3.88
C ARG B 186 29.35 18.13 4.46
N LEU B 187 29.06 19.41 4.53
CA LEU B 187 27.84 19.83 5.19
C LEU B 187 26.77 19.93 4.12
N LEU B 188 25.58 19.47 4.48
CA LEU B 188 24.39 19.71 3.71
C LEU B 188 23.40 20.22 4.72
N ILE B 189 22.47 21.04 4.26
CA ILE B 189 21.46 21.50 5.18
C ILE B 189 20.10 21.12 4.64
N ASP B 190 19.16 21.06 5.53
CA ASP B 190 17.82 20.66 5.13
C ASP B 190 16.88 21.50 6.01
N PRO B 191 15.96 22.29 5.45
CA PRO B 191 15.13 23.13 6.31
C PRO B 191 14.15 22.34 7.13
N GLY B 192 14.01 21.06 6.85
CA GLY B 192 13.19 20.15 7.64
C GLY B 192 11.71 20.34 7.46
N PHE B 193 11.22 20.27 6.21
CA PHE B 193 9.79 20.39 6.00
C PHE B 193 9.05 19.35 6.81
N GLY B 194 7.95 19.77 7.43
CA GLY B 194 7.09 18.88 8.19
C GLY B 194 7.44 18.76 9.67
N PHE B 195 8.64 19.15 10.08
CA PHE B 195 9.12 18.93 11.45
C PHE B 195 8.84 20.18 12.26
N GLY B 196 7.68 20.22 12.92
CA GLY B 196 7.42 21.37 13.75
C GLY B 196 7.03 22.61 12.98
N LYS B 197 6.58 22.45 11.75
CA LYS B 197 6.17 23.57 10.91
C LYS B 197 4.79 23.31 10.36
N SER B 198 3.96 24.34 10.36
CA SER B 198 2.62 24.28 9.83
C SER B 198 2.66 24.25 8.30
N THR B 199 1.50 23.98 7.71
CA THR B 199 1.38 24.04 6.25
C THR B 199 1.86 25.40 5.76
N ALA B 200 1.36 26.47 6.39
CA ALA B 200 1.76 27.81 6.01
C ALA B 200 3.26 28.01 6.17
N ASP B 201 3.82 27.57 7.31
CA ASP B 201 5.25 27.68 7.51
C ASP B 201 6.03 26.85 6.50
N ASN B 202 5.52 25.66 6.16
CA ASN B 202 6.19 24.87 5.13
C ASN B 202 6.18 25.58 3.77
N VAL B 203 5.03 26.16 3.39
CA VAL B 203 4.97 26.87 2.11
C VAL B 203 5.94 28.05 2.10
N GLN B 204 6.07 28.75 3.23
CA GLN B 204 7.02 29.86 3.33
C GLN B 204 8.46 29.42 3.06
N LEU B 205 8.89 28.31 3.69
CA LEU B 205 10.26 27.84 3.51
C LEU B 205 10.55 27.39 2.10
N LEU B 206 9.57 26.80 1.40
CA LEU B 206 9.81 26.39 0.03
C LEU B 206 9.95 27.61 -0.87
N ALA B 207 9.08 28.61 -0.67
CA ALA B 207 9.09 29.81 -1.51
C ALA B 207 10.42 30.52 -1.42
N HIS B 208 10.97 30.60 -0.21
CA HIS B 208 12.20 31.32 0.08
C HIS B 208 13.42 30.40 0.14
N LEU B 209 13.31 29.20 -0.42
CA LEU B 209 14.46 28.30 -0.43
C LEU B 209 15.72 28.88 -1.10
N PRO B 210 15.66 29.75 -2.11
CA PRO B 210 16.94 30.24 -2.65
C PRO B 210 17.76 30.93 -1.57
N ARG B 211 17.11 31.55 -0.57
CA ARG B 211 17.84 32.26 0.47
C ARG B 211 18.66 31.32 1.34
N LEU B 212 18.24 30.06 1.49
CA LEU B 212 19.04 29.13 2.24
C LEU B 212 20.10 28.47 1.37
N CYS B 213 19.97 28.59 0.04
CA CYS B 213 20.94 28.05 -0.89
C CYS B 213 22.16 28.93 -1.04
N GLU B 214 22.17 30.09 -0.40
CA GLU B 214 23.27 31.04 -0.50
C GLU B 214 24.30 30.85 0.60
N LEU B 215 24.41 29.64 1.15
CA LEU B 215 25.48 29.36 2.10
C LEU B 215 26.56 28.47 1.50
N GLY B 216 26.47 28.12 0.22
CA GLY B 216 27.58 27.38 -0.36
C GLY B 216 27.67 25.91 -0.01
N VAL B 217 26.62 25.31 0.56
CA VAL B 217 26.61 23.88 0.84
C VAL B 217 25.38 23.35 0.15
N PRO B 218 25.43 22.16 -0.47
CA PRO B 218 24.23 21.64 -1.14
C PRO B 218 23.04 21.52 -0.18
N VAL B 219 21.83 21.73 -0.72
CA VAL B 219 20.62 21.79 0.09
C VAL B 219 19.73 20.61 -0.29
N LEU B 220 19.18 19.92 0.72
CA LEU B 220 18.26 18.80 0.53
C LEU B 220 16.85 19.23 0.87
N ALA B 221 15.89 18.93 -0.01
CA ALA B 221 14.50 19.20 0.26
C ALA B 221 13.73 17.88 0.37
N GLY B 222 12.90 17.76 1.40
CA GLY B 222 12.12 16.55 1.62
C GLY B 222 10.69 16.83 1.98
N LEU B 223 9.81 16.81 0.99
CA LEU B 223 8.38 17.05 1.18
C LEU B 223 7.55 15.84 0.84
N SER B 224 8.17 14.67 0.71
CA SER B 224 7.49 13.52 0.11
C SER B 224 6.32 13.02 0.95
N ARG B 225 5.10 13.09 0.38
CA ARG B 225 3.86 12.58 0.98
C ARG B 225 3.59 13.16 2.36
N LYS B 226 4.14 14.33 2.64
CA LYS B 226 4.02 14.91 3.96
C LYS B 226 2.62 15.48 4.19
N ARG B 227 2.30 15.65 5.47
CA ARG B 227 0.97 16.12 5.87
C ARG B 227 0.63 17.44 5.21
N SER B 228 1.63 18.34 5.10
CA SER B 228 1.39 19.62 4.43
C SER B 228 0.90 19.44 3.01
N ILE B 229 1.49 18.49 2.28
CA ILE B 229 1.04 18.26 0.91
C ILE B 229 -0.40 17.80 0.90
N GLY B 230 -0.74 16.90 1.83
CA GLY B 230 -2.11 16.43 1.96
C GLY B 230 -3.07 17.56 2.24
N GLU B 231 -2.67 18.51 3.08
CA GLU B 231 -3.56 19.61 3.43
C GLU B 231 -3.80 20.53 2.23
N LEU B 232 -2.74 20.83 1.48
CA LEU B 232 -2.87 21.70 0.32
C LEU B 232 -3.72 21.06 -0.76
N THR B 233 -3.61 19.73 -0.92
CA THR B 233 -4.27 19.06 -2.02
C THR B 233 -5.54 18.32 -1.61
N GLY B 234 -5.82 18.21 -0.32
CA GLY B 234 -6.99 17.46 0.09
C GLY B 234 -6.86 15.97 -0.13
N ARG B 235 -5.65 15.42 -0.01
CA ARG B 235 -5.38 14.00 -0.20
C ARG B 235 -5.09 13.40 1.17
N GLU B 236 -6.03 12.60 1.67
CA GLU B 236 -5.95 12.14 3.05
C GLU B 236 -4.89 11.05 3.23
N LEU B 237 -4.76 10.17 2.25
CA LEU B 237 -3.81 9.09 2.50
C LEU B 237 -2.46 9.42 1.88
N PRO B 238 -1.35 9.06 2.53
CA PRO B 238 -0.03 9.40 1.99
C PRO B 238 0.17 8.94 0.55
N GLU B 239 -0.37 7.78 0.20
CA GLU B 239 -0.15 7.27 -1.15
C GLU B 239 -0.95 8.05 -2.19
N GLN B 240 -1.90 8.86 -1.77
CA GLN B 240 -2.64 9.74 -2.70
C GLN B 240 -1.91 11.06 -2.93
N ARG B 241 -0.80 11.27 -2.26
CA ARG B 241 -0.13 12.57 -2.29
C ARG B 241 0.99 12.65 -3.32
N VAL B 242 1.08 11.71 -4.25
CA VAL B 242 2.26 11.66 -5.11
C VAL B 242 2.33 12.89 -6.01
N ALA B 243 1.23 13.21 -6.71
CA ALA B 243 1.31 14.33 -7.65
C ALA B 243 1.73 15.62 -6.94
N GLY B 244 1.12 15.92 -5.79
CA GLY B 244 1.47 17.14 -5.09
C GLY B 244 2.92 17.09 -4.62
N SER B 245 3.41 15.91 -4.25
CA SER B 245 4.79 15.78 -3.79
C SER B 245 5.80 16.03 -4.92
N VAL B 246 5.55 15.43 -6.08
CA VAL B 246 6.43 15.63 -7.23
C VAL B 246 6.47 17.09 -7.61
N ALA B 247 5.32 17.78 -7.57
CA ALA B 247 5.31 19.21 -7.88
C ALA B 247 6.14 19.97 -6.87
N ALA B 248 6.01 19.63 -5.59
CA ALA B 248 6.80 20.32 -4.58
C ALA B 248 8.29 20.11 -4.80
N HIS B 249 8.70 18.89 -5.15
CA HIS B 249 10.13 18.64 -5.33
C HIS B 249 10.67 19.31 -6.58
N LEU B 250 9.87 19.44 -7.64
CA LEU B 250 10.33 20.19 -8.79
C LEU B 250 10.45 21.67 -8.46
N LEU B 251 9.51 22.24 -7.70
CA LEU B 251 9.67 23.64 -7.27
C LEU B 251 10.93 23.83 -6.44
N ALA B 252 11.20 22.85 -5.57
CA ALA B 252 12.42 22.90 -4.76
C ALA B 252 13.66 22.84 -5.63
N ALA B 253 13.66 21.97 -6.65
CA ALA B 253 14.81 21.89 -7.54
C ALA B 253 14.99 23.19 -8.32
N GLN B 254 13.87 23.80 -8.75
CA GLN B 254 13.91 25.08 -9.44
C GLN B 254 14.41 26.19 -8.51
N ARG B 255 14.22 26.05 -7.20
CA ARG B 255 14.65 27.09 -6.28
C ARG B 255 16.00 26.80 -5.64
N GLY B 256 16.73 25.81 -6.15
CA GLY B 256 18.11 25.61 -5.78
C GLY B 256 18.43 24.29 -5.10
N ALA B 257 17.46 23.47 -4.70
CA ALA B 257 17.79 22.22 -4.02
C ALA B 257 18.59 21.30 -4.96
N LEU B 258 19.63 20.66 -4.44
CA LEU B 258 20.45 19.74 -5.21
C LEU B 258 20.21 18.30 -4.82
N LEU B 259 19.47 18.07 -3.74
CA LEU B 259 19.04 16.74 -3.33
C LEU B 259 17.57 16.78 -2.98
N LEU B 260 16.86 15.75 -3.44
CA LEU B 260 15.42 15.58 -3.25
C LEU B 260 15.19 14.23 -2.62
N ARG B 261 14.61 14.20 -1.41
CA ARG B 261 14.40 12.97 -0.63
C ARG B 261 12.95 12.51 -0.87
N VAL B 262 12.76 11.41 -1.60
CA VAL B 262 11.42 11.06 -2.07
C VAL B 262 11.14 9.57 -1.96
N HIS B 263 9.83 9.28 -1.86
CA HIS B 263 9.29 7.93 -1.99
C HIS B 263 9.12 7.57 -3.46
N ASP B 264 8.66 8.55 -4.25
CA ASP B 264 8.22 8.32 -5.64
C ASP B 264 9.33 8.68 -6.63
N VAL B 265 10.27 7.75 -6.75
CA VAL B 265 11.53 8.02 -7.43
C VAL B 265 11.29 8.18 -8.94
N ALA B 266 10.65 7.19 -9.58
CA ALA B 266 10.47 7.25 -11.02
C ALA B 266 9.73 8.51 -11.42
N ALA B 267 8.67 8.88 -10.68
CA ALA B 267 7.89 10.08 -11.05
C ALA B 267 8.71 11.35 -10.88
N THR B 268 9.49 11.43 -9.82
CA THR B 268 10.33 12.61 -9.60
C THR B 268 11.39 12.71 -10.67
N VAL B 269 11.99 11.57 -11.03
CA VAL B 269 13.00 11.54 -12.10
C VAL B 269 12.39 12.03 -13.43
N ASP B 270 11.19 11.55 -13.76
CA ASP B 270 10.54 12.00 -14.99
C ASP B 270 10.28 13.51 -14.96
N ALA B 271 9.78 14.02 -13.83
CA ALA B 271 9.58 15.48 -13.75
C ALA B 271 10.87 16.22 -13.92
N LEU B 272 11.96 15.73 -13.31
CA LEU B 272 13.24 16.41 -13.46
C LEU B 272 13.73 16.30 -14.89
N THR B 273 13.46 15.19 -15.58
CA THR B 273 13.95 15.04 -16.94
C THR B 273 13.28 16.06 -17.88
N VAL B 274 11.98 16.30 -17.69
CA VAL B 274 11.29 17.28 -18.54
C VAL B 274 11.80 18.68 -18.27
N TRP B 275 11.93 19.02 -16.98
CA TRP B 275 12.43 20.35 -16.63
C TRP B 275 13.84 20.57 -17.13
N GLN B 276 14.72 19.55 -17.04
CA GLN B 276 16.10 19.74 -17.52
C GLN B 276 16.12 20.01 -19.02
N ALA B 277 15.24 19.34 -19.78
CA ALA B 277 15.20 19.55 -21.23
C ALA B 277 14.78 20.99 -21.55
N VAL B 278 13.79 21.51 -20.81
CA VAL B 278 13.34 22.88 -21.02
C VAL B 278 14.41 23.89 -20.56
N GLN B 279 14.96 23.68 -19.36
CA GLN B 279 15.93 24.60 -18.79
C GLN B 279 17.18 24.69 -19.64
N ALA B 280 17.45 23.64 -20.41
CA ALA B 280 18.63 23.56 -21.28
C ALA B 280 18.49 24.38 -22.55
N VAL B 281 17.30 24.92 -22.80
CA VAL B 281 17.11 25.75 -23.99
C VAL B 281 17.60 27.17 -23.66
N PRO B 282 18.45 27.77 -24.51
CA PRO B 282 18.92 29.13 -24.26
C PRO B 282 17.79 30.14 -24.25
N ASP C 3 -15.42 -26.90 34.59
CA ASP C 3 -16.46 -26.40 35.49
C ASP C 3 -16.24 -24.92 35.76
N THR C 4 -15.19 -24.61 36.52
CA THR C 4 -14.76 -23.25 36.76
C THR C 4 -13.54 -22.96 35.90
N SER C 5 -13.57 -21.85 35.17
CA SER C 5 -12.41 -21.52 34.34
C SER C 5 -11.22 -21.27 35.25
N PRO C 6 -10.02 -21.71 34.86
CA PRO C 6 -8.83 -21.43 35.67
C PRO C 6 -8.64 -19.95 35.91
N ARG C 7 -8.37 -19.60 37.16
CA ARG C 7 -8.07 -18.24 37.57
C ARG C 7 -6.67 -18.26 38.15
N LEU C 8 -5.72 -17.64 37.47
CA LEU C 8 -4.33 -17.67 37.90
C LEU C 8 -3.96 -16.36 38.58
N ASP C 9 -3.53 -16.46 39.83
CA ASP C 9 -3.13 -15.28 40.60
C ASP C 9 -1.63 -15.16 40.43
N CYS C 10 -1.21 -14.27 39.54
CA CYS C 10 0.21 -14.09 39.26
C CYS C 10 0.70 -12.94 40.10
N ALA C 11 0.96 -13.26 41.38
CA ALA C 11 1.46 -12.26 42.31
C ALA C 11 0.55 -11.03 42.31
N GLY C 12 -0.76 -11.27 42.35
CA GLY C 12 -1.72 -10.19 42.45
C GLY C 12 -2.29 -9.75 41.11
N ARG C 13 -1.66 -10.11 40.01
CA ARG C 13 -2.18 -9.80 38.69
C ARG C 13 -2.91 -11.03 38.15
N ILE C 14 -4.21 -10.89 37.88
CA ILE C 14 -5.07 -12.04 37.61
C ILE C 14 -5.16 -12.34 36.13
N LEU C 15 -4.94 -13.59 35.79
CA LEU C 15 -5.09 -14.14 34.45
C LEU C 15 -6.22 -15.15 34.53
N THR C 16 -7.33 -14.85 33.86
CA THR C 16 -8.50 -15.75 33.82
C THR C 16 -8.51 -16.50 32.48
N LEU C 17 -8.52 -17.82 32.55
CA LEU C 17 -8.41 -18.63 31.31
C LEU C 17 -9.77 -19.09 30.87
N ASP C 18 -10.70 -18.15 30.79
CA ASP C 18 -12.01 -18.45 30.25
C ASP C 18 -11.99 -18.54 28.74
N ARG C 19 -10.90 -18.10 28.13
CA ARG C 19 -10.64 -18.19 26.71
C ARG C 19 -9.13 -18.13 26.53
N PRO C 20 -8.61 -18.52 25.36
CA PRO C 20 -7.15 -18.54 25.21
C PRO C 20 -6.57 -17.15 25.40
N ARG C 21 -5.48 -17.10 26.15
CA ARG C 21 -4.77 -15.86 26.42
C ARG C 21 -3.41 -15.89 25.75
N VAL C 22 -2.91 -14.69 25.40
CA VAL C 22 -1.70 -14.55 24.61
C VAL C 22 -0.55 -14.11 25.50
N MET C 23 0.50 -14.93 25.52
CA MET C 23 1.72 -14.64 26.28
C MET C 23 2.77 -14.09 25.33
N GLY C 24 3.11 -12.81 25.48
CA GLY C 24 4.08 -12.19 24.60
C GLY C 24 5.50 -12.48 25.02
N ILE C 25 6.34 -12.85 24.04
CA ILE C 25 7.73 -13.23 24.29
C ILE C 25 8.62 -11.99 24.40
N VAL C 26 9.33 -11.86 25.52
CA VAL C 26 10.28 -10.75 25.73
C VAL C 26 11.64 -11.35 26.00
N ASN C 27 12.48 -11.45 24.98
N ASN C 27 12.49 -11.40 24.98
CA ASN C 27 13.80 -12.03 25.15
CA ASN C 27 13.82 -12.00 25.08
C ASN C 27 14.78 -10.95 25.61
C ASN C 27 14.84 -10.95 25.55
N VAL C 28 15.60 -11.30 26.60
CA VAL C 28 16.66 -10.43 27.09
C VAL C 28 18.00 -11.17 26.97
N THR C 29 18.45 -11.43 25.74
CA THR C 29 19.72 -12.11 25.56
C THR C 29 20.55 -11.27 24.61
N PRO C 30 21.80 -10.95 24.97
CA PRO C 30 22.67 -10.17 24.07
C PRO C 30 22.87 -10.88 22.74
N ASP C 31 22.73 -10.11 21.66
CA ASP C 31 22.91 -10.62 20.30
C ASP C 31 23.94 -9.81 19.52
N SER C 32 24.79 -9.07 20.22
CA SER C 32 25.87 -8.30 19.61
C SER C 32 25.34 -7.32 18.56
N PHE C 33 24.31 -6.58 18.94
CA PHE C 33 23.82 -5.47 18.14
C PHE C 33 23.73 -4.22 19.02
N THR C 38 23.86 -6.30 30.13
CA THR C 38 23.85 -5.60 28.85
C THR C 38 22.82 -4.47 28.84
N HIS C 39 23.31 -3.24 29.03
CA HIS C 39 22.43 -2.09 29.21
C HIS C 39 21.50 -1.88 28.01
N THR C 40 22.04 -1.96 26.79
CA THR C 40 21.20 -1.72 25.63
C THR C 40 20.23 -2.85 25.40
N THR C 41 20.59 -4.05 25.86
CA THR C 41 19.66 -5.18 25.77
C THR C 41 18.48 -4.99 26.70
N VAL C 42 18.73 -4.53 27.93
CA VAL C 42 17.64 -4.28 28.88
C VAL C 42 16.69 -3.20 28.36
N GLU C 43 17.24 -2.10 27.83
CA GLU C 43 16.38 -1.02 27.35
C GLU C 43 15.53 -1.50 26.18
N ALA C 44 16.11 -2.31 25.31
CA ALA C 44 15.35 -2.80 24.17
C ALA C 44 14.26 -3.77 24.62
N ALA C 45 14.56 -4.60 25.64
CA ALA C 45 13.59 -5.57 26.11
C ALA C 45 12.38 -4.87 26.73
N VAL C 46 12.63 -3.82 27.50
CA VAL C 46 11.55 -3.11 28.15
C VAL C 46 10.64 -2.48 27.10
N ALA C 47 11.25 -1.82 26.10
CA ALA C 47 10.47 -1.19 25.05
C ALA C 47 9.66 -2.25 24.32
N HIS C 48 10.25 -3.42 24.09
CA HIS C 48 9.52 -4.49 23.40
C HIS C 48 8.33 -4.97 24.23
N GLY C 49 8.53 -5.18 25.53
CA GLY C 49 7.42 -5.57 26.39
C GLY C 49 6.30 -4.55 26.37
N LEU C 50 6.65 -3.27 26.39
CA LEU C 50 5.60 -2.26 26.34
C LEU C 50 4.83 -2.31 25.01
N ARG C 51 5.54 -2.57 23.90
CA ARG C 51 4.88 -2.68 22.60
C ARG C 51 3.97 -3.90 22.58
N LEU C 52 4.41 -5.02 23.15
CA LEU C 52 3.53 -6.17 23.12
C LEU C 52 2.30 -5.95 24.00
N ALA C 53 2.47 -5.23 25.12
CA ALA C 53 1.31 -4.87 25.94
C ALA C 53 0.33 -4.00 25.15
N GLU C 54 0.85 -3.04 24.39
CA GLU C 54 0.01 -2.23 23.53
C GLU C 54 -0.70 -3.07 22.48
N GLU C 55 -0.05 -4.13 21.99
CA GLU C 55 -0.62 -5.00 20.96
C GLU C 55 -1.66 -5.96 21.50
N GLY C 56 -1.90 -5.96 22.81
CA GLY C 56 -2.97 -6.73 23.39
C GLY C 56 -2.52 -8.00 24.12
N ALA C 57 -1.23 -8.10 24.48
CA ALA C 57 -0.78 -9.29 25.21
C ALA C 57 -1.57 -9.42 26.49
N ASP C 58 -1.85 -10.69 26.90
CA ASP C 58 -2.47 -10.87 28.20
C ASP C 58 -1.44 -11.01 29.29
N LEU C 59 -0.23 -11.37 28.93
CA LEU C 59 0.87 -11.50 29.88
C LEU C 59 2.17 -11.49 29.10
N LEU C 60 3.27 -11.22 29.79
CA LEU C 60 4.57 -11.16 29.13
C LEU C 60 5.49 -12.18 29.75
N ASP C 61 6.31 -12.83 28.94
CA ASP C 61 7.25 -13.86 29.39
C ASP C 61 8.65 -13.33 29.14
N ILE C 62 9.40 -13.10 30.22
CA ILE C 62 10.72 -12.46 30.21
C ILE C 62 11.78 -13.52 30.40
N GLY C 63 12.70 -13.66 29.45
CA GLY C 63 13.71 -14.71 29.54
C GLY C 63 15.10 -14.19 29.22
N GLY C 64 16.07 -14.63 30.02
CA GLY C 64 17.45 -14.18 29.90
C GLY C 64 18.44 -15.25 29.52
N GLU C 65 17.94 -16.38 29.04
CA GLU C 65 18.79 -17.50 28.64
C GLU C 65 18.46 -17.89 27.20
N SER C 66 19.33 -18.72 26.63
CA SER C 66 19.14 -19.19 25.26
C SER C 66 18.84 -20.68 25.20
N VAL C 74 24.38 -20.12 31.59
CA VAL C 74 24.73 -18.85 32.25
C VAL C 74 24.54 -18.96 33.76
N PRO C 75 25.50 -18.41 34.50
CA PRO C 75 25.38 -18.39 35.97
C PRO C 75 24.20 -17.54 36.38
N VAL C 76 23.67 -17.86 37.57
CA VAL C 76 22.50 -17.18 38.11
C VAL C 76 22.73 -15.68 38.12
N GLU C 77 23.91 -15.24 38.61
CA GLU C 77 24.14 -13.80 38.67
C GLU C 77 24.05 -13.15 37.28
N GLU C 78 24.46 -13.85 36.22
CA GLU C 78 24.35 -13.29 34.88
C GLU C 78 22.89 -13.27 34.39
N GLU C 79 22.13 -14.33 34.67
CA GLU C 79 20.71 -14.32 34.38
C GLU C 79 20.00 -13.19 35.13
N LEU C 80 20.36 -12.96 36.40
CA LEU C 80 19.72 -11.89 37.16
C LEU C 80 20.03 -10.51 36.59
N ARG C 81 21.27 -10.29 36.14
CA ARG C 81 21.61 -8.98 35.59
C ARG C 81 20.77 -8.68 34.36
N ARG C 82 20.32 -9.70 33.67
CA ARG C 82 19.49 -9.51 32.48
C ARG C 82 18.01 -9.35 32.81
N VAL C 83 17.43 -10.27 33.59
CA VAL C 83 15.97 -10.30 33.72
C VAL C 83 15.49 -9.35 34.79
N ILE C 84 16.22 -9.19 35.92
CA ILE C 84 15.68 -8.38 37.03
C ILE C 84 15.38 -6.95 36.63
N PRO C 85 16.30 -6.20 35.97
CA PRO C 85 15.94 -4.83 35.55
C PRO C 85 14.73 -4.81 34.62
N VAL C 86 14.57 -5.81 33.77
CA VAL C 86 13.42 -5.82 32.86
C VAL C 86 12.13 -6.06 33.63
N ILE C 87 12.17 -6.99 34.59
CA ILE C 87 10.99 -7.22 35.40
C ILE C 87 10.61 -5.97 36.20
N GLU C 88 11.60 -5.36 36.86
CA GLU C 88 11.30 -4.20 37.69
C GLU C 88 10.68 -3.09 36.86
N ARG C 89 11.19 -2.88 35.64
CA ARG C 89 10.64 -1.81 34.82
C ARG C 89 9.26 -2.17 34.30
N LEU C 90 9.06 -3.43 33.89
CA LEU C 90 7.77 -3.78 33.34
C LEU C 90 6.71 -3.88 34.43
N VAL C 91 7.09 -4.26 35.66
CA VAL C 91 6.12 -4.26 36.75
C VAL C 91 5.64 -2.85 37.00
N ALA C 92 6.51 -1.87 36.82
CA ALA C 92 6.15 -0.50 37.11
C ALA C 92 5.39 0.16 35.97
N GLN C 93 5.58 -0.32 34.75
CA GLN C 93 5.09 0.39 33.57
C GLN C 93 3.94 -0.32 32.86
N THR C 94 3.60 -1.55 33.26
CA THR C 94 2.44 -2.24 32.70
C THR C 94 1.64 -2.84 33.85
N ALA C 95 0.39 -3.19 33.55
CA ALA C 95 -0.50 -3.84 34.48
C ALA C 95 -0.58 -5.34 34.24
N LEU C 96 0.21 -5.88 33.30
CA LEU C 96 0.13 -7.26 32.88
C LEU C 96 0.82 -8.21 33.87
N PRO C 97 0.30 -9.44 34.00
CA PRO C 97 1.07 -10.48 34.68
C PRO C 97 2.37 -10.71 33.94
N LEU C 98 3.42 -11.01 34.69
CA LEU C 98 4.74 -11.22 34.13
C LEU C 98 5.23 -12.59 34.51
N SER C 99 5.73 -13.31 33.52
CA SER C 99 6.31 -14.64 33.71
C SER C 99 7.80 -14.53 33.46
N VAL C 100 8.58 -15.32 34.19
CA VAL C 100 10.03 -15.39 33.99
C VAL C 100 10.41 -16.78 33.50
N ASP C 101 11.24 -16.83 32.47
CA ASP C 101 11.69 -18.09 31.85
C ASP C 101 13.00 -18.49 32.47
N THR C 102 12.97 -19.48 33.36
CA THR C 102 14.20 -19.94 33.99
C THR C 102 13.95 -21.32 34.55
N PHE C 103 15.03 -22.09 34.67
CA PHE C 103 14.95 -23.37 35.37
C PHE C 103 15.72 -23.35 36.68
N LYS C 104 16.32 -22.19 37.06
CA LYS C 104 17.19 -22.12 38.25
C LYS C 104 16.43 -21.56 39.43
N PRO C 105 16.36 -22.30 40.53
CA PRO C 105 15.54 -21.86 41.67
C PRO C 105 15.91 -20.50 42.20
N GLU C 106 17.21 -20.17 42.26
CA GLU C 106 17.56 -18.87 42.81
C GLU C 106 17.08 -17.75 41.89
N VAL C 107 17.01 -18.00 40.58
CA VAL C 107 16.47 -16.98 39.68
C VAL C 107 14.96 -16.87 39.88
N MET C 108 14.30 -18.00 40.11
CA MET C 108 12.86 -18.00 40.39
C MET C 108 12.56 -17.14 41.61
N ARG C 109 13.31 -17.37 42.70
CA ARG C 109 13.06 -16.60 43.91
C ARG C 109 13.36 -15.11 43.70
N ALA C 110 14.47 -14.77 43.04
CA ALA C 110 14.82 -13.37 42.87
C ALA C 110 13.84 -12.67 41.93
N ALA C 111 13.38 -13.41 40.91
CA ALA C 111 12.46 -12.82 39.96
C ALA C 111 11.11 -12.52 40.61
N VAL C 112 10.60 -13.47 41.42
CA VAL C 112 9.34 -13.24 42.09
C VAL C 112 9.48 -12.08 43.08
N ALA C 113 10.62 -12.00 43.76
CA ALA C 113 10.80 -10.89 44.68
C ALA C 113 10.78 -9.55 43.94
N ALA C 114 11.25 -9.53 42.70
CA ALA C 114 11.29 -8.32 41.90
C ALA C 114 9.96 -8.01 41.22
N GLY C 115 9.01 -8.94 41.24
CA GLY C 115 7.69 -8.65 40.67
C GLY C 115 7.15 -9.70 39.71
N ALA C 116 7.91 -10.73 39.38
CA ALA C 116 7.39 -11.76 38.49
C ALA C 116 6.27 -12.53 39.20
N GLY C 117 5.29 -12.98 38.43
CA GLY C 117 4.13 -13.65 38.98
C GLY C 117 3.89 -15.05 38.44
N MET C 118 4.84 -15.57 37.66
CA MET C 118 4.71 -16.89 37.05
C MET C 118 6.09 -17.33 36.64
N ILE C 119 6.31 -18.64 36.66
CA ILE C 119 7.57 -19.23 36.25
C ILE C 119 7.29 -20.14 35.07
N ASN C 120 8.08 -19.99 34.02
CA ASN C 120 7.97 -20.85 32.86
C ASN C 120 9.25 -21.68 32.82
N ASP C 121 9.14 -22.95 33.16
CA ASP C 121 10.35 -23.77 33.37
C ASP C 121 10.49 -24.85 32.30
N VAL C 122 11.51 -24.73 31.45
CA VAL C 122 11.78 -25.71 30.39
C VAL C 122 12.17 -27.06 30.97
N GLN C 123 12.64 -27.11 32.22
CA GLN C 123 13.04 -28.37 32.82
C GLN C 123 11.96 -28.99 33.67
N ALA C 124 10.78 -28.36 33.76
CA ALA C 124 9.63 -28.88 34.52
C ALA C 124 10.01 -29.17 35.97
N LEU C 125 10.76 -28.24 36.56
CA LEU C 125 11.18 -28.29 37.99
C LEU C 125 12.09 -29.48 38.30
N ARG C 126 12.86 -29.95 37.33
CA ARG C 126 13.78 -31.03 37.60
C ARG C 126 15.12 -30.56 38.13
N GLN C 127 15.39 -29.25 38.09
CA GLN C 127 16.63 -28.71 38.65
C GLN C 127 16.58 -28.88 40.16
N PRO C 128 17.66 -29.34 40.78
CA PRO C 128 17.68 -29.48 42.24
C PRO C 128 17.25 -28.19 42.93
N GLY C 129 16.24 -28.31 43.79
CA GLY C 129 15.74 -27.15 44.50
C GLY C 129 14.55 -26.48 43.84
N ALA C 130 14.27 -26.78 42.58
CA ALA C 130 13.21 -26.04 41.87
C ALA C 130 11.82 -26.37 42.43
N LEU C 131 11.56 -27.65 42.76
CA LEU C 131 10.26 -27.97 43.35
C LEU C 131 10.04 -27.19 44.62
N ASP C 132 11.04 -27.18 45.52
CA ASP C 132 10.88 -26.46 46.77
C ASP C 132 10.72 -24.98 46.56
N ALA C 133 11.46 -24.39 45.62
CA ALA C 133 11.30 -22.96 45.39
C ALA C 133 9.87 -22.62 44.98
N VAL C 134 9.33 -23.32 43.99
CA VAL C 134 8.00 -22.99 43.52
C VAL C 134 6.96 -23.26 44.58
N ALA C 135 7.15 -24.33 45.36
CA ALA C 135 6.21 -24.57 46.46
C ALA C 135 6.24 -23.41 47.46
N ASP C 136 7.45 -22.85 47.73
CA ASP C 136 7.58 -21.73 48.64
C ASP C 136 6.98 -20.46 48.07
N LEU C 137 7.17 -20.24 46.78
CA LEU C 137 6.81 -18.94 46.18
C LEU C 137 5.31 -18.82 45.91
N ARG C 138 4.63 -19.94 45.70
CA ARG C 138 3.19 -19.96 45.50
C ARG C 138 2.77 -19.10 44.32
N VAL C 139 3.56 -19.15 43.24
CA VAL C 139 3.14 -18.58 41.95
C VAL C 139 2.83 -19.71 40.97
N PRO C 140 2.08 -19.44 39.89
CA PRO C 140 1.85 -20.45 38.86
C PRO C 140 3.15 -20.81 38.18
N VAL C 141 3.21 -22.04 37.69
CA VAL C 141 4.42 -22.53 37.01
C VAL C 141 4.01 -23.34 35.79
N VAL C 142 4.72 -23.14 34.66
CA VAL C 142 4.53 -23.94 33.46
C VAL C 142 5.54 -25.06 33.45
N LEU C 143 5.06 -26.31 33.36
CA LEU C 143 5.92 -27.49 33.26
C LEU C 143 6.03 -27.90 31.80
N MET C 144 7.23 -27.77 31.23
CA MET C 144 7.42 -28.11 29.82
C MET C 144 8.03 -29.49 29.68
N HIS C 145 7.76 -30.14 28.56
CA HIS C 145 8.45 -31.37 28.21
C HIS C 145 9.64 -31.04 27.34
N MET C 146 10.81 -31.50 27.78
CA MET C 146 12.01 -31.45 26.97
C MET C 146 12.74 -32.77 27.20
N PRO C 147 13.23 -33.44 26.16
CA PRO C 147 13.96 -34.69 26.39
C PRO C 147 15.40 -34.39 26.84
N ALA C 153 21.99 -27.10 15.71
CA ALA C 153 21.51 -28.32 16.32
C ALA C 153 21.59 -29.48 15.33
N GLY C 154 21.13 -30.64 15.78
CA GLY C 154 21.11 -31.85 14.97
C GLY C 154 19.70 -32.42 14.90
N SER C 155 19.59 -33.70 14.60
CA SER C 155 18.29 -34.34 14.47
C SER C 155 17.60 -34.38 15.84
N ALA C 156 16.26 -34.35 15.81
CA ALA C 156 15.50 -34.50 17.05
C ALA C 156 15.46 -35.97 17.44
N PRO C 157 15.21 -36.26 18.71
CA PRO C 157 15.16 -37.67 19.13
C PRO C 157 13.99 -38.41 18.50
N HIS C 158 14.10 -39.73 18.43
CA HIS C 158 13.02 -40.52 17.89
C HIS C 158 12.14 -40.95 19.05
N TYR C 159 10.82 -40.86 18.84
CA TYR C 159 9.84 -41.32 19.80
C TYR C 159 9.02 -42.40 19.14
N ASP C 160 8.72 -43.45 19.90
CA ASP C 160 7.82 -44.47 19.37
C ASP C 160 6.40 -43.95 19.32
N ASP C 161 6.02 -43.19 20.35
CA ASP C 161 4.70 -42.58 20.45
C ASP C 161 4.91 -41.26 21.20
N VAL C 162 5.19 -40.18 20.46
CA VAL C 162 5.52 -38.91 21.11
C VAL C 162 4.36 -38.43 21.97
N VAL C 163 3.13 -38.62 21.51
CA VAL C 163 1.99 -38.15 22.28
C VAL C 163 1.92 -38.90 23.62
N ALA C 164 2.12 -40.22 23.58
CA ALA C 164 2.05 -41.00 24.82
C ALA C 164 3.22 -40.65 25.75
N GLU C 165 4.41 -40.45 25.18
CA GLU C 165 5.59 -40.12 25.97
C GLU C 165 5.45 -38.76 26.64
N VAL C 166 5.00 -37.75 25.89
CA VAL C 166 4.83 -36.44 26.49
C VAL C 166 3.79 -36.50 27.60
N HIS C 167 2.70 -37.22 27.35
CA HIS C 167 1.64 -37.39 28.34
C HIS C 167 2.18 -38.03 29.63
N ARG C 168 2.93 -39.12 29.50
CA ARG C 168 3.49 -39.81 30.65
C ARG C 168 4.41 -38.89 31.44
N PHE C 169 5.31 -38.18 30.74
CA PHE C 169 6.23 -37.27 31.40
C PHE C 169 5.50 -36.17 32.16
N LEU C 170 4.48 -35.55 31.53
CA LEU C 170 3.79 -34.45 32.17
C LEU C 170 2.98 -34.93 33.39
N VAL C 171 2.41 -36.13 33.34
CA VAL C 171 1.74 -36.70 34.53
C VAL C 171 2.74 -36.83 35.67
N GLU C 172 3.93 -37.36 35.37
CA GLU C 172 4.97 -37.54 36.40
C GLU C 172 5.35 -36.19 37.00
N ARG C 173 5.51 -35.17 36.16
CA ARG C 173 5.92 -33.87 36.71
C ARG C 173 4.77 -33.20 37.46
N ILE C 174 3.53 -33.30 36.95
CA ILE C 174 2.40 -32.76 37.70
C ILE C 174 2.34 -33.38 39.11
N PHE C 175 2.49 -34.70 39.18
CA PHE C 175 2.40 -35.39 40.45
C PHE C 175 3.56 -35.04 41.38
N ALA C 176 4.79 -34.97 40.84
CA ALA C 176 5.92 -34.52 41.65
C ALA C 176 5.69 -33.12 42.23
N ALA C 177 5.14 -32.20 41.41
CA ALA C 177 4.86 -30.86 41.91
C ALA C 177 3.80 -30.91 43.02
N GLU C 178 2.73 -31.68 42.83
CA GLU C 178 1.71 -31.77 43.88
C GLU C 178 2.31 -32.35 45.15
N MET C 179 3.15 -33.39 45.02
CA MET C 179 3.73 -33.97 46.22
C MET C 179 4.77 -33.06 46.87
N ALA C 180 5.26 -32.05 46.17
CA ALA C 180 6.17 -31.12 46.80
C ALA C 180 5.39 -29.98 47.44
N GLY C 181 4.07 -29.99 47.34
CA GLY C 181 3.24 -28.97 47.95
C GLY C 181 2.78 -27.87 47.01
N ILE C 182 3.00 -28.00 45.71
CA ILE C 182 2.50 -27.00 44.77
C ILE C 182 1.04 -27.33 44.45
N ASP C 183 0.15 -26.39 44.72
CA ASP C 183 -1.26 -26.62 44.44
C ASP C 183 -1.51 -26.89 42.95
N LYS C 184 -2.38 -27.85 42.65
CA LYS C 184 -2.72 -28.14 41.28
C LYS C 184 -3.27 -26.92 40.59
N ARG C 185 -3.94 -26.03 41.33
CA ARG C 185 -4.52 -24.87 40.63
C ARG C 185 -3.44 -23.89 40.17
N ARG C 186 -2.18 -24.11 40.51
CA ARG C 186 -1.09 -23.25 40.05
C ARG C 186 -0.26 -23.90 38.96
N LEU C 187 -0.66 -25.06 38.45
CA LEU C 187 0.13 -25.77 37.46
C LEU C 187 -0.41 -25.52 36.06
N LEU C 188 0.51 -25.41 35.11
CA LEU C 188 0.21 -25.41 33.69
C LEU C 188 1.18 -26.38 33.05
N ILE C 189 0.81 -26.95 31.91
CA ILE C 189 1.75 -27.80 31.20
C ILE C 189 1.94 -27.32 29.78
N ASP C 190 3.06 -27.72 29.19
CA ASP C 190 3.46 -27.29 27.83
C ASP C 190 4.10 -28.49 27.16
N PRO C 191 3.56 -28.96 26.03
CA PRO C 191 4.11 -30.18 25.40
C PRO C 191 5.48 -29.96 24.80
N GLY C 192 5.95 -28.70 24.72
CA GLY C 192 7.28 -28.42 24.25
C GLY C 192 7.46 -28.55 22.76
N PHE C 193 6.57 -27.87 22.03
CA PHE C 193 6.74 -27.81 20.59
C PHE C 193 8.11 -27.18 20.29
N GLY C 194 8.74 -27.66 19.23
CA GLY C 194 10.00 -27.03 18.88
C GLY C 194 11.07 -28.08 18.68
N PHE C 195 12.32 -27.77 18.96
CA PHE C 195 13.42 -28.60 18.47
C PHE C 195 13.57 -29.93 19.19
N GLY C 196 12.93 -30.14 20.34
CA GLY C 196 13.03 -31.51 20.83
C GLY C 196 12.14 -32.51 20.12
N LYS C 197 11.51 -32.11 19.02
CA LYS C 197 10.65 -32.99 18.22
C LYS C 197 10.87 -32.71 16.73
N SER C 198 10.74 -33.77 15.93
CA SER C 198 10.75 -33.59 14.50
C SER C 198 9.48 -32.86 14.07
N THR C 199 9.47 -32.40 12.80
CA THR C 199 8.27 -31.78 12.27
C THR C 199 7.08 -32.70 12.41
N ALA C 200 7.25 -33.97 12.05
CA ALA C 200 6.13 -34.92 12.15
C ALA C 200 5.66 -35.05 13.59
N ASP C 201 6.59 -35.14 14.54
CA ASP C 201 6.17 -35.27 15.94
C ASP C 201 5.51 -34.01 16.47
N ASN C 202 5.97 -32.82 16.02
CA ASN C 202 5.30 -31.60 16.42
C ASN C 202 3.85 -31.59 15.89
N VAL C 203 3.65 -32.01 14.64
CA VAL C 203 2.30 -32.09 14.06
C VAL C 203 1.44 -33.09 14.80
N GLN C 204 2.02 -34.25 15.19
CA GLN C 204 1.28 -35.22 15.99
C GLN C 204 0.81 -34.61 17.30
N LEU C 205 1.72 -33.90 17.99
CA LEU C 205 1.38 -33.28 19.27
C LEU C 205 0.30 -32.24 19.10
N LEU C 206 0.32 -31.49 17.98
CA LEU C 206 -0.72 -30.49 17.74
C LEU C 206 -2.04 -31.17 17.37
N ALA C 207 -1.97 -32.17 16.51
CA ALA C 207 -3.21 -32.87 16.14
C ALA C 207 -3.87 -33.50 17.35
N HIS C 208 -3.08 -34.08 18.27
CA HIS C 208 -3.60 -34.82 19.43
C HIS C 208 -3.59 -33.99 20.71
N LEU C 209 -3.49 -32.67 20.57
CA LEU C 209 -3.46 -31.81 21.74
C LEU C 209 -4.68 -31.97 22.65
N PRO C 210 -5.89 -32.28 22.17
CA PRO C 210 -6.98 -32.43 23.13
C PRO C 210 -6.67 -33.49 24.17
N ARG C 211 -5.87 -34.51 23.83
CA ARG C 211 -5.58 -35.57 24.82
C ARG C 211 -4.72 -35.04 25.98
N LEU C 212 -3.90 -34.03 25.72
CA LEU C 212 -3.11 -33.45 26.79
C LEU C 212 -3.92 -32.43 27.58
N CYS C 213 -5.05 -32.00 27.05
CA CYS C 213 -5.86 -31.02 27.77
C CYS C 213 -6.72 -31.67 28.83
N GLU C 214 -6.67 -32.99 28.94
CA GLU C 214 -7.50 -33.75 29.89
C GLU C 214 -6.73 -34.22 31.12
N LEU C 215 -5.64 -33.55 31.43
CA LEU C 215 -4.86 -33.82 32.63
C LEU C 215 -5.26 -32.86 33.75
N GLY C 216 -6.34 -32.11 33.55
CA GLY C 216 -6.88 -31.27 34.59
C GLY C 216 -6.11 -29.99 34.80
N VAL C 217 -5.19 -29.68 33.91
CA VAL C 217 -4.42 -28.45 34.04
C VAL C 217 -4.43 -27.70 32.71
N PRO C 218 -4.36 -26.37 32.73
CA PRO C 218 -4.32 -25.62 31.46
C PRO C 218 -3.08 -25.94 30.65
N VAL C 219 -3.22 -25.88 29.33
CA VAL C 219 -2.12 -26.22 28.42
C VAL C 219 -1.63 -24.96 27.73
N LEU C 220 -0.31 -24.79 27.69
CA LEU C 220 0.32 -23.70 26.94
C LEU C 220 0.90 -24.29 25.67
N ALA C 221 0.63 -23.62 24.53
CA ALA C 221 1.19 -24.04 23.25
C ALA C 221 2.08 -22.92 22.74
N GLY C 222 3.29 -23.26 22.34
CA GLY C 222 4.25 -22.27 21.83
C GLY C 222 4.90 -22.81 20.57
N LEU C 223 4.32 -22.43 19.42
CA LEU C 223 4.85 -22.81 18.12
C LEU C 223 5.42 -21.60 17.38
N SER C 224 5.70 -20.52 18.12
CA SER C 224 5.95 -19.24 17.44
C SER C 224 7.25 -19.24 16.65
N ARG C 225 7.14 -19.11 15.30
CA ARG C 225 8.29 -18.98 14.40
C ARG C 225 9.24 -20.15 14.48
N LYS C 226 8.75 -21.31 14.94
CA LYS C 226 9.64 -22.43 15.13
C LYS C 226 9.93 -23.11 13.81
N ARG C 227 11.00 -23.92 13.82
CA ARG C 227 11.48 -24.58 12.62
C ARG C 227 10.41 -25.48 11.98
N SER C 228 9.60 -26.18 12.79
CA SER C 228 8.60 -27.08 12.21
C SER C 228 7.61 -26.30 11.36
N ILE C 229 7.19 -25.12 11.83
CA ILE C 229 6.31 -24.28 11.04
C ILE C 229 6.99 -23.89 9.74
N GLY C 230 8.27 -23.49 9.85
CA GLY C 230 9.06 -23.20 8.66
C GLY C 230 9.13 -24.38 7.69
N GLU C 231 9.27 -25.59 8.22
CA GLU C 231 9.37 -26.76 7.34
C GLU C 231 8.03 -27.01 6.64
N LEU C 232 6.92 -26.85 7.37
CA LEU C 232 5.62 -27.11 6.76
C LEU C 232 5.34 -26.14 5.62
N THR C 233 5.75 -24.88 5.78
CA THR C 233 5.37 -23.82 4.85
C THR C 233 6.48 -23.41 3.90
N GLY C 234 7.68 -23.94 4.06
CA GLY C 234 8.79 -23.54 3.22
C GLY C 234 9.30 -22.14 3.54
N ARG C 235 9.28 -21.75 4.82
CA ARG C 235 9.69 -20.39 5.21
C ARG C 235 10.96 -20.47 6.06
N GLU C 236 12.09 -19.99 5.49
CA GLU C 236 13.41 -20.23 6.07
C GLU C 236 13.68 -19.38 7.29
N LEU C 237 13.24 -18.11 7.30
CA LEU C 237 13.61 -17.21 8.39
C LEU C 237 12.46 -17.00 9.39
N PRO C 238 12.75 -16.77 10.65
CA PRO C 238 11.68 -16.61 11.66
C PRO C 238 10.60 -15.60 11.31
N GLU C 239 10.94 -14.39 10.82
CA GLU C 239 9.89 -13.43 10.49
C GLU C 239 9.09 -13.84 9.26
N GLN C 240 9.57 -14.81 8.49
CA GLN C 240 8.75 -15.29 7.37
C GLN C 240 7.73 -16.31 7.82
N ARG C 241 7.81 -16.77 9.07
CA ARG C 241 6.97 -17.83 9.58
C ARG C 241 5.77 -17.32 10.33
N VAL C 242 5.49 -16.03 10.25
CA VAL C 242 4.43 -15.42 11.05
C VAL C 242 3.05 -15.97 10.69
N ALA C 243 2.72 -15.97 9.38
CA ALA C 243 1.39 -16.47 9.01
C ALA C 243 1.18 -17.91 9.44
N GLY C 244 2.16 -18.78 9.20
CA GLY C 244 2.01 -20.17 9.62
C GLY C 244 1.91 -20.31 11.13
N SER C 245 2.64 -19.45 11.88
CA SER C 245 2.60 -19.49 13.35
C SER C 245 1.25 -19.06 13.89
N VAL C 246 0.69 -17.98 13.30
CA VAL C 246 -0.63 -17.56 13.75
C VAL C 246 -1.64 -18.67 13.50
N ALA C 247 -1.52 -19.35 12.37
CA ALA C 247 -2.45 -20.44 12.05
C ALA C 247 -2.30 -21.58 13.05
N ALA C 248 -1.04 -21.97 13.34
CA ALA C 248 -0.79 -23.03 14.32
C ALA C 248 -1.37 -22.70 15.68
N HIS C 249 -1.25 -21.43 16.12
CA HIS C 249 -1.78 -21.04 17.41
C HIS C 249 -3.29 -21.01 17.43
N LEU C 250 -3.93 -20.63 16.31
CA LEU C 250 -5.38 -20.75 16.25
C LEU C 250 -5.82 -22.21 16.34
N LEU C 251 -5.11 -23.10 15.63
CA LEU C 251 -5.41 -24.51 15.69
C LEU C 251 -5.21 -25.04 17.10
N ALA C 252 -4.16 -24.59 17.78
CA ALA C 252 -3.94 -25.08 19.15
C ALA C 252 -5.06 -24.61 20.07
N ALA C 253 -5.49 -23.35 19.92
CA ALA C 253 -6.60 -22.88 20.74
C ALA C 253 -7.86 -23.66 20.44
N GLN C 254 -8.11 -23.98 19.16
CA GLN C 254 -9.29 -24.75 18.84
C GLN C 254 -9.26 -26.13 19.47
N ARG C 255 -8.06 -26.66 19.69
CA ARG C 255 -7.87 -27.98 20.25
C ARG C 255 -7.65 -27.97 21.75
N GLY C 256 -7.85 -26.84 22.41
CA GLY C 256 -7.94 -26.76 23.86
C GLY C 256 -6.86 -25.95 24.54
N ALA C 257 -5.84 -25.50 23.82
CA ALA C 257 -4.77 -24.73 24.46
C ALA C 257 -5.36 -23.45 25.05
N LEU C 258 -4.96 -23.11 26.27
CA LEU C 258 -5.49 -21.89 26.90
C LEU C 258 -4.46 -20.77 27.02
N LEU C 259 -3.18 -21.04 26.78
CA LEU C 259 -2.17 -20.00 26.72
C LEU C 259 -1.39 -20.23 25.47
N LEU C 260 -1.11 -19.14 24.73
CA LEU C 260 -0.37 -19.22 23.48
C LEU C 260 0.86 -18.31 23.65
N ARG C 261 2.06 -18.87 23.48
CA ARG C 261 3.30 -18.12 23.70
C ARG C 261 3.83 -17.66 22.35
N VAL C 262 3.75 -16.36 22.11
CA VAL C 262 3.95 -15.87 20.74
C VAL C 262 4.84 -14.64 20.68
N HIS C 263 5.47 -14.49 19.51
CA HIS C 263 6.12 -13.23 19.16
C HIS C 263 5.15 -12.22 18.59
N ASP C 264 4.25 -12.70 17.73
CA ASP C 264 3.38 -11.84 16.90
C ASP C 264 2.04 -11.66 17.60
N VAL C 265 2.05 -10.77 18.58
CA VAL C 265 0.93 -10.62 19.51
C VAL C 265 -0.29 -10.05 18.79
N ALA C 266 -0.14 -8.91 18.11
CA ALA C 266 -1.32 -8.31 17.49
C ALA C 266 -1.98 -9.27 16.49
N ALA C 267 -1.19 -9.95 15.67
CA ALA C 267 -1.77 -10.85 14.67
C ALA C 267 -2.49 -12.01 15.35
N THR C 268 -1.91 -12.54 16.43
CA THR C 268 -2.55 -13.68 17.12
C THR C 268 -3.84 -13.26 17.80
N VAL C 269 -3.83 -12.08 18.42
CA VAL C 269 -5.03 -11.55 19.04
C VAL C 269 -6.13 -11.37 17.99
N ASP C 270 -5.78 -10.85 16.82
CA ASP C 270 -6.77 -10.69 15.74
C ASP C 270 -7.37 -12.03 15.33
N ALA C 271 -6.52 -13.03 15.10
CA ALA C 271 -7.04 -14.35 14.73
C ALA C 271 -7.96 -14.92 15.81
N LEU C 272 -7.55 -14.80 17.06
CA LEU C 272 -8.37 -15.37 18.10
C LEU C 272 -9.68 -14.63 18.25
N THR C 273 -9.67 -13.32 18.01
CA THR C 273 -10.89 -12.53 18.13
C THR C 273 -11.92 -12.91 17.07
N VAL C 274 -11.48 -13.13 15.82
CA VAL C 274 -12.41 -13.55 14.77
C VAL C 274 -12.96 -14.93 15.11
N TRP C 275 -12.10 -15.84 15.57
CA TRP C 275 -12.55 -17.19 15.93
C TRP C 275 -13.56 -17.12 17.07
N GLN C 276 -13.26 -16.29 18.09
CA GLN C 276 -14.20 -16.17 19.21
C GLN C 276 -15.56 -15.65 18.77
N ALA C 277 -15.59 -14.72 17.81
CA ALA C 277 -16.89 -14.21 17.36
C ALA C 277 -17.69 -15.31 16.68
N VAL C 278 -17.02 -16.13 15.87
CA VAL C 278 -17.70 -17.20 15.16
C VAL C 278 -18.16 -18.27 16.13
N GLN C 279 -17.26 -18.66 17.06
CA GLN C 279 -17.58 -19.72 18.01
C GLN C 279 -18.74 -19.33 18.92
N ALA C 280 -18.95 -18.03 19.16
CA ALA C 280 -20.04 -17.57 20.01
C ALA C 280 -21.41 -17.72 19.37
N VAL C 281 -21.49 -18.13 18.11
CA VAL C 281 -22.79 -18.34 17.49
C VAL C 281 -23.26 -19.76 17.79
N PRO C 282 -24.47 -19.95 18.32
CA PRO C 282 -25.03 -21.27 18.58
C PRO C 282 -25.24 -22.09 17.31
N THR D 4 -13.18 -38.31 -7.44
CA THR D 4 -14.36 -38.10 -6.61
C THR D 4 -14.53 -36.62 -6.24
N SER D 5 -13.41 -35.91 -6.07
CA SER D 5 -13.45 -34.48 -5.75
C SER D 5 -13.84 -33.68 -6.99
N PRO D 6 -14.57 -32.57 -6.81
CA PRO D 6 -14.92 -31.75 -7.98
C PRO D 6 -13.68 -31.34 -8.76
N ARG D 7 -13.75 -31.53 -10.07
CA ARG D 7 -12.72 -31.10 -11.00
C ARG D 7 -13.37 -30.05 -11.89
N LEU D 8 -12.89 -28.81 -11.82
CA LEU D 8 -13.47 -27.76 -12.66
C LEU D 8 -12.58 -27.55 -13.87
N ASP D 9 -13.16 -27.67 -15.05
CA ASP D 9 -12.43 -27.47 -16.28
C ASP D 9 -12.60 -26.00 -16.67
N CYS D 10 -11.61 -25.17 -16.34
CA CYS D 10 -11.70 -23.73 -16.61
C CYS D 10 -11.00 -23.45 -17.94
N ALA D 11 -11.74 -23.70 -19.04
CA ALA D 11 -11.22 -23.48 -20.39
C ALA D 11 -9.91 -24.22 -20.59
N GLY D 12 -9.88 -25.47 -20.11
CA GLY D 12 -8.73 -26.34 -20.30
C GLY D 12 -7.76 -26.37 -19.14
N ARG D 13 -7.83 -25.40 -18.25
CA ARG D 13 -6.98 -25.36 -17.05
C ARG D 13 -7.79 -25.94 -15.91
N ILE D 14 -7.29 -27.03 -15.32
CA ILE D 14 -8.10 -27.83 -14.42
C ILE D 14 -7.86 -27.38 -13.00
N LEU D 15 -8.95 -27.16 -12.27
CA LEU D 15 -8.94 -26.77 -10.87
C LEU D 15 -9.57 -27.92 -10.09
N THR D 16 -8.79 -28.59 -9.26
CA THR D 16 -9.28 -29.72 -8.50
C THR D 16 -9.58 -29.28 -7.08
N LEU D 17 -10.83 -29.44 -6.66
CA LEU D 17 -11.25 -29.00 -5.33
C LEU D 17 -11.23 -30.17 -4.35
N ASP D 18 -10.10 -30.87 -4.30
CA ASP D 18 -9.89 -31.92 -3.31
C ASP D 18 -9.48 -31.35 -1.95
N ARG D 19 -9.19 -30.06 -1.90
CA ARG D 19 -8.83 -29.27 -0.74
C ARG D 19 -9.18 -27.83 -1.07
N PRO D 20 -9.26 -26.93 -0.08
CA PRO D 20 -9.54 -25.51 -0.39
C PRO D 20 -8.48 -24.92 -1.30
N ARG D 21 -8.93 -24.17 -2.32
CA ARG D 21 -8.05 -23.56 -3.29
C ARG D 21 -8.14 -22.04 -3.13
N VAL D 22 -7.05 -21.36 -3.42
CA VAL D 22 -6.95 -19.92 -3.14
C VAL D 22 -7.08 -19.15 -4.43
N MET D 23 -8.07 -18.25 -4.46
CA MET D 23 -8.36 -17.39 -5.62
C MET D 23 -7.79 -16.00 -5.33
N GLY D 24 -6.74 -15.61 -6.06
CA GLY D 24 -6.09 -14.32 -5.80
C GLY D 24 -6.83 -13.20 -6.48
N ILE D 25 -7.05 -12.13 -5.74
CA ILE D 25 -7.80 -10.98 -6.26
C ILE D 25 -6.89 -10.11 -7.11
N VAL D 26 -7.30 -9.87 -8.36
CA VAL D 26 -6.56 -8.98 -9.27
C VAL D 26 -7.54 -7.88 -9.67
N ASN D 27 -7.47 -6.75 -8.98
CA ASN D 27 -8.34 -5.63 -9.33
C ASN D 27 -7.67 -4.75 -10.39
N VAL D 28 -8.42 -4.40 -11.45
CA VAL D 28 -7.87 -3.59 -12.52
C VAL D 28 -8.55 -2.23 -12.44
N THR D 29 -8.15 -1.42 -11.47
CA THR D 29 -8.77 -0.11 -11.36
C THR D 29 -7.66 0.89 -11.17
N PRO D 30 -7.75 2.06 -11.78
CA PRO D 30 -6.74 3.09 -11.52
C PRO D 30 -6.53 3.36 -10.04
N ASP D 31 -7.57 3.17 -9.21
CA ASP D 31 -7.49 3.46 -7.79
C ASP D 31 -6.82 2.33 -6.99
N SER D 32 -6.66 1.15 -7.57
CA SER D 32 -5.94 0.06 -6.91
C SER D 32 -4.44 0.28 -6.85
N PHE D 33 -3.90 1.27 -7.57
CA PHE D 33 -2.46 1.46 -7.65
C PHE D 33 -2.10 2.92 -7.42
N SER D 34 -0.89 3.13 -6.89
CA SER D 34 -0.37 4.48 -6.67
C SER D 34 0.85 4.79 -7.54
N ASP D 35 1.30 3.83 -8.36
CA ASP D 35 2.43 4.02 -9.25
C ASP D 35 2.01 4.47 -10.64
N GLY D 36 0.80 5.00 -10.81
CA GLY D 36 0.38 5.35 -12.15
C GLY D 36 1.16 6.48 -12.80
N GLY D 37 1.97 7.21 -12.03
CA GLY D 37 2.79 8.25 -12.63
C GLY D 37 3.65 7.72 -13.76
N THR D 38 4.11 6.47 -13.65
CA THR D 38 4.96 5.94 -14.70
C THR D 38 4.49 4.57 -15.14
N HIS D 39 3.35 4.09 -14.65
CA HIS D 39 2.87 2.75 -15.01
C HIS D 39 1.46 2.85 -15.55
N THR D 40 1.11 1.91 -16.45
CA THR D 40 -0.30 1.79 -16.83
C THR D 40 -1.06 0.94 -15.83
N THR D 41 -2.37 1.13 -15.82
CA THR D 41 -3.24 0.33 -14.95
C THR D 41 -3.15 -1.15 -15.30
N VAL D 42 -3.17 -1.45 -16.60
CA VAL D 42 -3.09 -2.83 -17.08
C VAL D 42 -1.78 -3.47 -16.60
N GLU D 43 -0.65 -2.76 -16.78
CA GLU D 43 0.63 -3.39 -16.45
C GLU D 43 0.76 -3.61 -14.94
N ALA D 44 0.20 -2.70 -14.14
CA ALA D 44 0.26 -2.88 -12.69
C ALA D 44 -0.59 -4.08 -12.26
N ALA D 45 -1.75 -4.29 -12.90
CA ALA D 45 -2.61 -5.42 -12.56
C ALA D 45 -1.97 -6.73 -12.98
N VAL D 46 -1.32 -6.73 -14.14
CA VAL D 46 -0.65 -7.94 -14.63
C VAL D 46 0.49 -8.30 -13.68
N ALA D 47 1.31 -7.30 -13.31
CA ALA D 47 2.40 -7.57 -12.37
C ALA D 47 1.87 -8.10 -11.04
N HIS D 48 0.76 -7.57 -10.57
CA HIS D 48 0.18 -8.07 -9.33
C HIS D 48 -0.30 -9.52 -9.46
N GLY D 49 -1.02 -9.82 -10.55
CA GLY D 49 -1.44 -11.21 -10.78
C GLY D 49 -0.26 -12.17 -10.85
N LEU D 50 0.84 -11.74 -11.47
CA LEU D 50 2.02 -12.58 -11.55
C LEU D 50 2.62 -12.82 -10.16
N ARG D 51 2.64 -11.80 -9.31
CA ARG D 51 3.10 -11.97 -7.93
C ARG D 51 2.19 -12.91 -7.17
N LEU D 52 0.87 -12.81 -7.37
CA LEU D 52 -0.03 -13.73 -6.65
C LEU D 52 0.14 -15.15 -7.13
N ALA D 53 0.39 -15.35 -8.43
CA ALA D 53 0.71 -16.69 -8.91
C ALA D 53 1.99 -17.22 -8.26
N GLU D 54 3.01 -16.36 -8.13
CA GLU D 54 4.25 -16.79 -7.47
C GLU D 54 4.04 -17.14 -6.00
N GLU D 55 3.08 -16.50 -5.35
CA GLU D 55 2.79 -16.72 -3.93
C GLU D 55 1.95 -17.98 -3.73
N GLY D 56 1.57 -18.63 -4.81
CA GLY D 56 0.87 -19.90 -4.71
C GLY D 56 -0.63 -19.87 -4.95
N ALA D 57 -1.16 -18.82 -5.54
CA ALA D 57 -2.59 -18.83 -5.89
C ALA D 57 -2.93 -20.04 -6.79
N ASP D 58 -4.10 -20.58 -6.57
CA ASP D 58 -4.58 -21.65 -7.43
C ASP D 58 -5.32 -21.13 -8.62
N LEU D 59 -5.81 -19.90 -8.55
CA LEU D 59 -6.50 -19.27 -9.67
C LEU D 59 -6.49 -17.77 -9.43
N LEU D 60 -6.73 -16.96 -10.48
CA LEU D 60 -6.72 -15.50 -10.31
C LEU D 60 -8.09 -14.99 -10.73
N ASP D 61 -8.61 -13.99 -10.00
CA ASP D 61 -9.92 -13.41 -10.29
C ASP D 61 -9.69 -11.96 -10.74
N ILE D 62 -10.01 -11.67 -12.00
CA ILE D 62 -9.66 -10.40 -12.62
C ILE D 62 -10.93 -9.58 -12.75
N GLY D 63 -10.95 -8.41 -12.14
CA GLY D 63 -12.16 -7.60 -12.17
C GLY D 63 -11.89 -6.15 -12.46
N GLY D 64 -12.74 -5.51 -13.25
CA GLY D 64 -12.48 -4.12 -13.54
C GLY D 64 -13.57 -3.18 -13.05
N GLU D 65 -14.53 -3.69 -12.26
CA GLU D 65 -15.61 -2.85 -11.76
C GLU D 65 -15.76 -3.09 -10.28
N SER D 66 -15.67 -2.03 -9.50
CA SER D 66 -15.77 -2.15 -8.07
C SER D 66 -17.23 -2.23 -7.70
N THR D 67 -17.56 -3.16 -6.81
CA THR D 67 -18.92 -3.27 -6.29
C THR D 67 -18.95 -2.97 -4.80
N ARG D 68 -17.89 -2.34 -4.29
CA ARG D 68 -17.82 -1.89 -2.90
C ARG D 68 -18.88 -0.83 -2.64
N PRO D 69 -19.26 -0.64 -1.37
CA PRO D 69 -20.29 0.37 -1.05
C PRO D 69 -19.90 1.74 -1.58
N GLY D 70 -20.84 2.40 -2.26
CA GLY D 70 -20.63 3.73 -2.79
C GLY D 70 -19.91 3.82 -4.13
N ALA D 71 -19.72 2.71 -4.82
CA ALA D 71 -18.99 2.75 -6.09
C ALA D 71 -19.85 3.35 -7.20
N THR D 72 -19.18 4.07 -8.11
CA THR D 72 -19.83 4.54 -9.33
C THR D 72 -19.79 3.43 -10.39
N ALA D 73 -20.89 3.22 -11.10
CA ALA D 73 -20.92 2.15 -12.09
C ALA D 73 -19.90 2.40 -13.19
N VAL D 74 -19.27 1.34 -13.66
CA VAL D 74 -18.27 1.42 -14.72
C VAL D 74 -18.94 1.06 -16.03
N PRO D 75 -18.87 1.91 -17.03
CA PRO D 75 -19.53 1.59 -18.30
C PRO D 75 -18.82 0.42 -18.96
N VAL D 76 -19.61 -0.38 -19.70
CA VAL D 76 -19.07 -1.60 -20.30
C VAL D 76 -17.82 -1.34 -21.13
N GLU D 77 -17.80 -0.26 -21.92
CA GLU D 77 -16.61 -0.01 -22.74
C GLU D 77 -15.37 0.14 -21.88
N GLU D 78 -15.50 0.80 -20.73
CA GLU D 78 -14.34 0.98 -19.84
C GLU D 78 -13.99 -0.32 -19.13
N GLU D 79 -15.00 -1.10 -18.73
CA GLU D 79 -14.74 -2.38 -18.09
C GLU D 79 -13.95 -3.29 -19.02
N LEU D 80 -14.31 -3.30 -20.31
CA LEU D 80 -13.56 -4.08 -21.29
C LEU D 80 -12.14 -3.56 -21.44
N ARG D 81 -11.97 -2.22 -21.47
CA ARG D 81 -10.63 -1.67 -21.63
C ARG D 81 -9.74 -2.04 -20.46
N ARG D 82 -10.33 -2.34 -19.33
CA ARG D 82 -9.55 -2.72 -18.15
C ARG D 82 -9.23 -4.20 -18.14
N VAL D 83 -10.25 -5.06 -18.31
CA VAL D 83 -10.06 -6.47 -18.01
C VAL D 83 -9.48 -7.23 -19.19
N ILE D 84 -9.84 -6.90 -20.44
CA ILE D 84 -9.41 -7.74 -21.56
C ILE D 84 -7.89 -7.73 -21.72
N PRO D 85 -7.20 -6.60 -21.74
CA PRO D 85 -5.75 -6.64 -21.89
C PRO D 85 -5.07 -7.36 -20.73
N VAL D 86 -5.66 -7.30 -19.53
CA VAL D 86 -5.06 -8.02 -18.39
C VAL D 86 -5.21 -9.53 -18.56
N ILE D 87 -6.41 -9.99 -18.94
CA ILE D 87 -6.60 -11.42 -19.22
C ILE D 87 -5.67 -11.88 -20.34
N GLU D 88 -5.59 -11.10 -21.44
CA GLU D 88 -4.74 -11.53 -22.55
C GLU D 88 -3.29 -11.74 -22.11
N ARG D 89 -2.78 -10.84 -21.26
CA ARG D 89 -1.40 -10.97 -20.80
C ARG D 89 -1.25 -12.09 -19.77
N LEU D 90 -2.21 -12.24 -18.86
CA LEU D 90 -2.04 -13.27 -17.82
C LEU D 90 -2.23 -14.67 -18.38
N VAL D 91 -3.08 -14.84 -19.39
CA VAL D 91 -3.25 -16.17 -19.94
C VAL D 91 -1.96 -16.62 -20.60
N ALA D 92 -1.20 -15.68 -21.15
CA ALA D 92 0.08 -15.98 -21.79
C ALA D 92 1.22 -16.14 -20.78
N GLN D 93 1.08 -15.59 -19.58
CA GLN D 93 2.19 -15.55 -18.63
C GLN D 93 1.96 -16.39 -17.38
N THR D 94 0.81 -17.05 -17.27
CA THR D 94 0.56 -17.95 -16.15
C THR D 94 0.00 -19.26 -16.66
N ALA D 95 0.08 -20.31 -15.82
CA ALA D 95 -0.57 -21.58 -16.12
C ALA D 95 -1.86 -21.78 -15.33
N LEU D 96 -2.27 -20.77 -14.51
CA LEU D 96 -3.41 -20.83 -13.59
C LEU D 96 -4.73 -20.64 -14.30
N PRO D 97 -5.80 -21.25 -13.80
CA PRO D 97 -7.14 -20.86 -14.25
C PRO D 97 -7.37 -19.39 -13.95
N LEU D 98 -8.07 -18.69 -14.84
CA LEU D 98 -8.38 -17.27 -14.70
C LEU D 98 -9.89 -17.09 -14.70
N SER D 99 -10.37 -16.36 -13.72
CA SER D 99 -11.77 -16.01 -13.58
C SER D 99 -11.93 -14.52 -13.87
N VAL D 100 -13.07 -14.14 -14.45
CA VAL D 100 -13.39 -12.74 -14.66
C VAL D 100 -14.52 -12.38 -13.71
N ASP D 101 -14.36 -11.31 -12.98
CA ASP D 101 -15.36 -10.85 -12.01
C ASP D 101 -16.19 -9.80 -12.72
N THR D 102 -17.37 -10.18 -13.20
CA THR D 102 -18.21 -9.23 -13.94
C THR D 102 -19.64 -9.73 -13.83
N PHE D 103 -20.61 -8.80 -13.96
CA PHE D 103 -22.00 -9.19 -14.07
C PHE D 103 -22.56 -8.93 -15.46
N LYS D 104 -21.72 -8.46 -16.41
CA LYS D 104 -22.21 -8.04 -17.73
C LYS D 104 -21.96 -9.14 -18.76
N PRO D 105 -22.99 -9.61 -19.47
CA PRO D 105 -22.76 -10.69 -20.44
C PRO D 105 -21.77 -10.31 -21.52
N GLU D 106 -21.71 -9.03 -21.91
CA GLU D 106 -20.77 -8.65 -22.95
C GLU D 106 -19.34 -8.86 -22.50
N VAL D 107 -19.06 -8.61 -21.21
CA VAL D 107 -17.73 -8.81 -20.65
C VAL D 107 -17.46 -10.28 -20.44
N MET D 108 -18.47 -11.05 -20.00
CA MET D 108 -18.29 -12.50 -19.87
C MET D 108 -17.88 -13.10 -21.21
N ARG D 109 -18.61 -12.76 -22.29
CA ARG D 109 -18.25 -13.34 -23.57
C ARG D 109 -16.88 -12.88 -24.05
N ALA D 110 -16.59 -11.56 -23.94
CA ALA D 110 -15.29 -11.10 -24.42
C ALA D 110 -14.13 -11.65 -23.58
N ALA D 111 -14.35 -11.78 -22.28
CA ALA D 111 -13.28 -12.25 -21.40
C ALA D 111 -12.95 -13.70 -21.70
N VAL D 112 -13.97 -14.54 -21.90
CA VAL D 112 -13.71 -15.93 -22.23
C VAL D 112 -13.06 -16.04 -23.60
N ALA D 113 -13.49 -15.20 -24.57
CA ALA D 113 -12.78 -15.23 -25.84
C ALA D 113 -11.31 -14.85 -25.67
N ALA D 114 -11.00 -13.99 -24.70
CA ALA D 114 -9.61 -13.56 -24.45
C ALA D 114 -8.82 -14.56 -23.61
N GLY D 115 -9.47 -15.56 -23.01
CA GLY D 115 -8.72 -16.57 -22.27
C GLY D 115 -9.22 -16.91 -20.89
N ALA D 116 -10.22 -16.18 -20.41
CA ALA D 116 -10.78 -16.48 -19.10
C ALA D 116 -11.48 -17.82 -19.11
N GLY D 117 -11.41 -18.51 -17.94
CA GLY D 117 -11.98 -19.83 -17.85
C GLY D 117 -13.05 -20.01 -16.81
N MET D 118 -13.51 -18.91 -16.22
CA MET D 118 -14.49 -18.97 -15.15
C MET D 118 -15.11 -17.59 -15.05
N ILE D 119 -16.36 -17.51 -14.57
CA ILE D 119 -17.03 -16.24 -14.35
C ILE D 119 -17.44 -16.14 -12.90
N ASN D 120 -17.13 -15.03 -12.26
CA ASN D 120 -17.53 -14.79 -10.89
C ASN D 120 -18.54 -13.65 -10.96
N ASP D 121 -19.83 -13.95 -10.77
CA ASP D 121 -20.86 -12.96 -11.02
C ASP D 121 -21.57 -12.53 -9.73
N VAL D 122 -21.36 -11.27 -9.32
CA VAL D 122 -21.97 -10.76 -8.09
C VAL D 122 -23.49 -10.70 -8.19
N GLN D 123 -24.06 -10.68 -9.41
CA GLN D 123 -25.49 -10.63 -9.59
C GLN D 123 -26.11 -12.01 -9.81
N ALA D 124 -25.31 -13.08 -9.76
CA ALA D 124 -25.83 -14.46 -9.87
C ALA D 124 -26.64 -14.64 -11.15
N LEU D 125 -26.11 -14.08 -12.24
CA LEU D 125 -26.69 -14.23 -13.61
C LEU D 125 -28.05 -13.56 -13.75
N ARG D 126 -28.31 -12.55 -12.93
CA ARG D 126 -29.59 -11.84 -13.05
C ARG D 126 -29.58 -10.73 -14.10
N GLN D 127 -28.41 -10.35 -14.60
CA GLN D 127 -28.36 -9.37 -15.69
C GLN D 127 -28.91 -10.01 -16.97
N PRO D 128 -29.81 -9.34 -17.72
CA PRO D 128 -30.35 -9.97 -18.93
C PRO D 128 -29.27 -10.40 -19.90
N GLY D 129 -29.25 -11.69 -20.24
CA GLY D 129 -28.26 -12.25 -21.14
C GLY D 129 -27.18 -13.02 -20.41
N ALA D 130 -27.09 -12.85 -19.09
CA ALA D 130 -26.02 -13.54 -18.39
C ALA D 130 -26.24 -15.05 -18.40
N LEU D 131 -27.50 -15.50 -18.26
CA LEU D 131 -27.75 -16.94 -18.31
C LEU D 131 -27.39 -17.51 -19.67
N ASP D 132 -27.83 -16.84 -20.73
CA ASP D 132 -27.52 -17.27 -22.08
C ASP D 132 -26.02 -17.27 -22.32
N ALA D 133 -25.30 -16.29 -21.79
CA ALA D 133 -23.85 -16.26 -22.01
C ALA D 133 -23.18 -17.47 -21.36
N VAL D 134 -23.49 -17.69 -20.09
CA VAL D 134 -22.78 -18.75 -19.37
C VAL D 134 -23.13 -20.09 -19.96
N ALA D 135 -24.40 -20.29 -20.39
CA ALA D 135 -24.74 -21.55 -21.03
C ALA D 135 -23.97 -21.73 -22.33
N ASP D 136 -23.84 -20.66 -23.14
CA ASP D 136 -23.09 -20.74 -24.38
C ASP D 136 -21.60 -20.99 -24.13
N LEU D 137 -21.05 -20.32 -23.10
CA LEU D 137 -19.59 -20.28 -22.91
C LEU D 137 -19.06 -21.57 -22.31
N ARG D 138 -19.90 -22.29 -21.59
CA ARG D 138 -19.55 -23.59 -21.00
C ARG D 138 -18.32 -23.49 -20.11
N VAL D 139 -18.28 -22.42 -19.33
CA VAL D 139 -17.28 -22.29 -18.26
C VAL D 139 -17.95 -22.36 -16.90
N PRO D 140 -17.20 -22.63 -15.83
CA PRO D 140 -17.76 -22.54 -14.47
C PRO D 140 -18.15 -21.11 -14.12
N VAL D 141 -19.13 -20.99 -13.22
CA VAL D 141 -19.67 -19.71 -12.79
C VAL D 141 -19.94 -19.73 -11.28
N VAL D 142 -19.55 -18.64 -10.61
CA VAL D 142 -19.85 -18.44 -9.19
C VAL D 142 -21.11 -17.59 -9.08
N LEU D 143 -22.12 -18.10 -8.40
CA LEU D 143 -23.36 -17.37 -8.12
C LEU D 143 -23.27 -16.79 -6.71
N MET D 144 -23.26 -15.47 -6.59
CA MET D 144 -23.13 -14.79 -5.30
C MET D 144 -24.47 -14.27 -4.83
N HIS D 145 -24.63 -14.13 -3.52
CA HIS D 145 -25.84 -13.48 -2.99
C HIS D 145 -25.58 -11.99 -2.74
N MET D 146 -26.45 -11.15 -3.32
CA MET D 146 -26.42 -9.78 -2.85
C MET D 146 -27.84 -9.24 -2.94
N PRO D 147 -28.25 -8.41 -2.01
CA PRO D 147 -29.60 -7.83 -2.12
C PRO D 147 -29.66 -6.68 -3.11
N GLY D 148 -28.53 -6.00 -3.36
CA GLY D 148 -28.56 -4.76 -4.13
C GLY D 148 -28.37 -4.84 -5.64
N ASP D 149 -27.36 -4.10 -6.12
CA ASP D 149 -27.19 -3.76 -7.53
C ASP D 149 -28.46 -3.18 -8.13
N ALA D 156 -27.37 -1.81 3.10
CA ALA D 156 -27.34 -2.63 4.31
C ALA D 156 -28.75 -3.00 4.77
N PRO D 157 -29.33 -4.02 4.15
CA PRO D 157 -30.68 -4.44 4.51
C PRO D 157 -30.71 -5.24 5.80
N HIS D 158 -31.91 -5.31 6.36
CA HIS D 158 -32.15 -6.11 7.55
C HIS D 158 -32.78 -7.42 7.11
N TYR D 159 -32.36 -8.52 7.72
CA TYR D 159 -32.93 -9.81 7.43
C TYR D 159 -33.61 -10.37 8.67
N ASP D 160 -34.70 -11.10 8.44
CA ASP D 160 -35.31 -11.82 9.54
C ASP D 160 -34.47 -13.05 9.89
N ASP D 161 -33.96 -13.74 8.87
CA ASP D 161 -33.09 -14.90 9.03
C ASP D 161 -32.11 -14.90 7.85
N VAL D 162 -30.95 -14.23 8.03
CA VAL D 162 -30.01 -14.04 6.91
C VAL D 162 -29.50 -15.40 6.39
N VAL D 163 -29.26 -16.37 7.27
CA VAL D 163 -28.77 -17.65 6.79
C VAL D 163 -29.80 -18.33 5.90
N ALA D 164 -31.06 -18.35 6.32
CA ALA D 164 -32.11 -19.00 5.51
C ALA D 164 -32.37 -18.21 4.23
N GLU D 165 -32.34 -16.88 4.31
CA GLU D 165 -32.59 -16.06 3.13
C GLU D 165 -31.49 -16.22 2.09
N VAL D 166 -30.23 -16.24 2.53
CA VAL D 166 -29.14 -16.47 1.58
C VAL D 166 -29.27 -17.87 1.00
N HIS D 167 -29.59 -18.83 1.86
CA HIS D 167 -29.73 -20.20 1.39
C HIS D 167 -30.81 -20.28 0.33
N ARG D 168 -31.96 -19.69 0.63
CA ARG D 168 -33.10 -19.72 -0.28
C ARG D 168 -32.73 -19.09 -1.63
N PHE D 169 -32.11 -17.91 -1.59
CA PHE D 169 -31.71 -17.25 -2.84
C PHE D 169 -30.77 -18.12 -3.65
N LEU D 170 -29.78 -18.73 -3.00
CA LEU D 170 -28.82 -19.53 -3.75
C LEU D 170 -29.47 -20.79 -4.30
N VAL D 171 -30.42 -21.38 -3.58
CA VAL D 171 -31.16 -22.52 -4.16
C VAL D 171 -31.87 -22.05 -5.41
N GLU D 172 -32.51 -20.88 -5.32
CA GLU D 172 -33.25 -20.39 -6.48
C GLU D 172 -32.31 -20.11 -7.66
N ARG D 173 -31.15 -19.54 -7.41
CA ARG D 173 -30.27 -19.25 -8.54
C ARG D 173 -29.63 -20.50 -9.10
N ILE D 174 -29.33 -21.50 -8.26
CA ILE D 174 -28.88 -22.77 -8.80
C ILE D 174 -29.95 -23.32 -9.71
N PHE D 175 -31.20 -23.25 -9.29
CA PHE D 175 -32.29 -23.79 -10.09
C PHE D 175 -32.46 -23.03 -11.39
N ALA D 176 -32.42 -21.70 -11.33
CA ALA D 176 -32.48 -20.89 -12.54
C ALA D 176 -31.35 -21.21 -13.50
N ALA D 177 -30.13 -21.37 -12.98
CA ALA D 177 -29.00 -21.70 -13.86
C ALA D 177 -29.18 -23.07 -14.52
N GLU D 178 -29.62 -24.11 -13.77
CA GLU D 178 -29.82 -25.42 -14.36
C GLU D 178 -30.92 -25.35 -15.42
N MET D 179 -31.97 -24.59 -15.14
CA MET D 179 -33.07 -24.55 -16.09
C MET D 179 -32.72 -23.79 -17.35
N ALA D 180 -31.62 -23.05 -17.36
CA ALA D 180 -31.11 -22.36 -18.54
C ALA D 180 -30.12 -23.21 -19.32
N GLY D 181 -29.84 -24.43 -18.86
CA GLY D 181 -28.93 -25.29 -19.62
C GLY D 181 -27.50 -25.27 -19.11
N ILE D 182 -27.24 -24.61 -17.97
CA ILE D 182 -25.91 -24.61 -17.38
C ILE D 182 -25.73 -25.87 -16.57
N ASP D 183 -24.70 -26.65 -16.89
CA ASP D 183 -24.45 -27.90 -16.18
C ASP D 183 -24.26 -27.65 -14.68
N LYS D 184 -24.93 -28.46 -13.86
CA LYS D 184 -24.78 -28.29 -12.42
C LYS D 184 -23.32 -28.46 -12.00
N ARG D 185 -22.54 -29.29 -12.73
CA ARG D 185 -21.14 -29.45 -12.31
C ARG D 185 -20.30 -28.22 -12.61
N ARG D 186 -20.86 -27.18 -13.24
CA ARG D 186 -20.08 -25.96 -13.46
C ARG D 186 -20.46 -24.85 -12.50
N LEU D 187 -21.30 -25.14 -11.51
CA LEU D 187 -21.83 -24.12 -10.62
C LEU D 187 -21.03 -24.07 -9.32
N LEU D 188 -20.83 -22.85 -8.84
CA LEU D 188 -20.30 -22.57 -7.51
C LEU D 188 -21.20 -21.52 -6.90
N ILE D 189 -21.28 -21.49 -5.57
CA ILE D 189 -22.09 -20.48 -4.89
C ILE D 189 -21.22 -19.75 -3.88
N ASP D 190 -21.68 -18.54 -3.54
CA ASP D 190 -20.95 -17.62 -2.65
C ASP D 190 -21.97 -16.87 -1.81
N PRO D 191 -21.90 -16.93 -0.48
CA PRO D 191 -22.88 -16.19 0.32
C PRO D 191 -22.72 -14.69 0.23
N GLY D 192 -21.65 -14.20 -0.37
CA GLY D 192 -21.49 -12.77 -0.56
C GLY D 192 -21.21 -12.03 0.73
N PHE D 193 -20.20 -12.46 1.48
CA PHE D 193 -19.85 -11.71 2.67
C PHE D 193 -19.61 -10.24 2.32
N GLY D 194 -20.15 -9.34 3.16
CA GLY D 194 -19.99 -7.91 3.00
C GLY D 194 -20.99 -7.22 2.09
N PHE D 195 -21.76 -7.97 1.27
CA PHE D 195 -22.66 -7.34 0.29
C PHE D 195 -24.04 -7.18 0.90
N GLY D 196 -24.32 -6.01 1.45
CA GLY D 196 -25.63 -5.86 2.06
C GLY D 196 -25.79 -6.61 3.36
N LYS D 197 -24.70 -6.87 4.09
CA LYS D 197 -24.75 -7.57 5.37
C LYS D 197 -23.97 -6.84 6.46
N SER D 198 -24.57 -6.78 7.64
CA SER D 198 -23.89 -6.20 8.80
C SER D 198 -22.82 -7.17 9.29
N THR D 199 -21.98 -6.69 10.19
CA THR D 199 -20.99 -7.59 10.79
C THR D 199 -21.66 -8.81 11.41
N ALA D 200 -22.76 -8.60 12.14
CA ALA D 200 -23.47 -9.71 12.76
C ALA D 200 -23.97 -10.71 11.71
N ASP D 201 -24.53 -10.22 10.60
CA ASP D 201 -25.00 -11.12 9.56
C ASP D 201 -23.84 -11.88 8.94
N ASN D 202 -22.70 -11.21 8.78
CA ASN D 202 -21.53 -11.86 8.21
C ASN D 202 -21.03 -12.96 9.13
N VAL D 203 -20.96 -12.68 10.44
CA VAL D 203 -20.54 -13.72 11.38
C VAL D 203 -21.52 -14.88 11.39
N GLN D 204 -22.83 -14.59 11.35
CA GLN D 204 -23.83 -15.66 11.26
C GLN D 204 -23.62 -16.50 10.02
N LEU D 205 -23.39 -15.87 8.87
CA LEU D 205 -23.22 -16.65 7.66
C LEU D 205 -21.99 -17.54 7.73
N LEU D 206 -20.90 -17.06 8.36
CA LEU D 206 -19.67 -17.84 8.48
C LEU D 206 -19.86 -19.00 9.42
N ALA D 207 -20.50 -18.75 10.57
CA ALA D 207 -20.72 -19.79 11.56
C ALA D 207 -21.57 -20.92 10.98
N HIS D 208 -22.56 -20.57 10.16
CA HIS D 208 -23.51 -21.52 9.59
C HIS D 208 -23.16 -21.91 8.17
N LEU D 209 -21.93 -21.64 7.76
CA LEU D 209 -21.54 -22.00 6.41
C LEU D 209 -21.71 -23.49 6.08
N PRO D 210 -21.55 -24.44 7.01
CA PRO D 210 -21.75 -25.85 6.63
C PRO D 210 -23.10 -26.11 6.00
N ARG D 211 -24.12 -25.35 6.40
CA ARG D 211 -25.48 -25.50 5.90
C ARG D 211 -25.57 -25.17 4.41
N LEU D 212 -24.70 -24.31 3.92
CA LEU D 212 -24.66 -24.00 2.50
C LEU D 212 -23.84 -24.99 1.70
N CYS D 213 -22.93 -25.71 2.35
CA CYS D 213 -22.12 -26.66 1.61
C CYS D 213 -22.87 -27.94 1.32
N GLU D 214 -24.09 -28.06 1.83
CA GLU D 214 -24.93 -29.24 1.68
C GLU D 214 -25.88 -29.10 0.51
N LEU D 215 -25.55 -28.22 -0.44
CA LEU D 215 -26.31 -28.11 -1.67
C LEU D 215 -25.58 -28.79 -2.81
N GLY D 216 -24.47 -29.47 -2.51
CA GLY D 216 -23.82 -30.26 -3.54
C GLY D 216 -23.00 -29.48 -4.54
N VAL D 217 -22.76 -28.19 -4.29
CA VAL D 217 -21.94 -27.38 -5.19
C VAL D 217 -20.85 -26.72 -4.37
N PRO D 218 -19.67 -26.51 -4.93
CA PRO D 218 -18.58 -25.87 -4.17
C PRO D 218 -18.95 -24.46 -3.73
N VAL D 219 -18.47 -24.09 -2.56
CA VAL D 219 -18.78 -22.81 -1.94
C VAL D 219 -17.51 -21.99 -1.93
N LEU D 220 -17.63 -20.75 -2.39
CA LEU D 220 -16.53 -19.78 -2.35
C LEU D 220 -16.78 -18.83 -1.18
N ALA D 221 -15.77 -18.57 -0.36
CA ALA D 221 -15.90 -17.57 0.69
C ALA D 221 -14.91 -16.45 0.44
N GLY D 222 -15.37 -15.22 0.56
CA GLY D 222 -14.50 -14.07 0.35
C GLY D 222 -14.72 -13.03 1.41
N LEU D 223 -13.86 -13.01 2.45
CA LEU D 223 -13.97 -12.01 3.51
C LEU D 223 -12.76 -11.11 3.54
N SER D 224 -11.98 -11.10 2.47
CA SER D 224 -10.65 -10.49 2.52
C SER D 224 -10.67 -8.98 2.74
N ARG D 225 -10.09 -8.55 3.85
CA ARG D 225 -9.94 -7.15 4.22
C ARG D 225 -11.25 -6.42 4.28
N LYS D 226 -12.36 -7.13 4.46
CA LYS D 226 -13.63 -6.45 4.44
C LYS D 226 -13.89 -5.67 5.74
N ARG D 227 -14.85 -4.76 5.63
CA ARG D 227 -15.21 -3.85 6.72
C ARG D 227 -15.56 -4.66 7.97
N SER D 228 -16.25 -5.78 7.80
CA SER D 228 -16.61 -6.61 8.96
C SER D 228 -15.38 -7.14 9.69
N ILE D 229 -14.34 -7.54 8.95
CA ILE D 229 -13.10 -8.00 9.59
C ILE D 229 -12.51 -6.84 10.37
N GLY D 230 -12.56 -5.62 9.79
CA GLY D 230 -12.12 -4.44 10.51
C GLY D 230 -12.88 -4.21 11.80
N GLU D 231 -14.19 -4.43 11.78
CA GLU D 231 -14.98 -4.20 12.98
C GLU D 231 -14.65 -5.22 14.05
N LEU D 232 -14.49 -6.49 13.63
CA LEU D 232 -14.23 -7.55 14.60
C LEU D 232 -12.88 -7.37 15.26
N THR D 233 -11.89 -6.88 14.52
CA THR D 233 -10.53 -6.79 15.06
C THR D 233 -10.13 -5.38 15.48
N GLY D 234 -10.94 -4.38 15.18
CA GLY D 234 -10.58 -3.00 15.44
C GLY D 234 -9.48 -2.47 14.53
N ARG D 235 -9.37 -2.95 13.30
CA ARG D 235 -8.34 -2.51 12.36
C ARG D 235 -8.98 -1.60 11.31
N GLU D 236 -8.67 -0.30 11.37
CA GLU D 236 -9.38 0.67 10.53
C GLU D 236 -8.95 0.59 9.08
N LEU D 237 -7.68 0.31 8.83
CA LEU D 237 -7.25 0.33 7.44
C LEU D 237 -7.25 -1.07 6.83
N PRO D 238 -7.63 -1.21 5.56
CA PRO D 238 -7.73 -2.54 4.97
C PRO D 238 -6.43 -3.33 5.01
N GLU D 239 -5.27 -2.67 4.82
CA GLU D 239 -4.01 -3.40 4.88
C GLU D 239 -3.71 -3.92 6.30
N GLN D 240 -4.40 -3.40 7.31
CA GLN D 240 -4.20 -3.84 8.70
C GLN D 240 -5.04 -5.05 9.03
N ARG D 241 -5.88 -5.49 8.09
CA ARG D 241 -6.84 -6.55 8.34
C ARG D 241 -6.36 -7.92 7.91
N VAL D 242 -5.08 -8.07 7.63
CA VAL D 242 -4.65 -9.33 7.02
C VAL D 242 -4.82 -10.49 7.99
N ALA D 243 -4.29 -10.36 9.21
CA ALA D 243 -4.37 -11.51 10.11
C ALA D 243 -5.80 -11.93 10.35
N GLY D 244 -6.67 -10.98 10.62
CA GLY D 244 -8.09 -11.30 10.80
C GLY D 244 -8.72 -11.93 9.56
N SER D 245 -8.30 -11.49 8.35
CA SER D 245 -8.81 -12.06 7.13
C SER D 245 -8.34 -13.50 6.93
N VAL D 246 -7.07 -13.77 7.20
CA VAL D 246 -6.55 -15.14 7.07
C VAL D 246 -7.26 -16.07 8.05
N ALA D 247 -7.52 -15.59 9.27
CA ALA D 247 -8.24 -16.42 10.24
C ALA D 247 -9.65 -16.73 9.74
N ALA D 248 -10.34 -15.69 9.23
CA ALA D 248 -11.70 -15.89 8.68
C ALA D 248 -11.69 -16.90 7.55
N HIS D 249 -10.69 -16.84 6.68
CA HIS D 249 -10.64 -17.81 5.58
C HIS D 249 -10.28 -19.22 6.03
N LEU D 250 -9.43 -19.36 7.03
CA LEU D 250 -9.21 -20.69 7.57
C LEU D 250 -10.47 -21.24 8.21
N LEU D 251 -11.19 -20.41 8.95
CA LEU D 251 -12.46 -20.87 9.55
C LEU D 251 -13.45 -21.27 8.46
N ALA D 252 -13.48 -20.51 7.39
CA ALA D 252 -14.40 -20.86 6.30
C ALA D 252 -14.03 -22.21 5.67
N ALA D 253 -12.74 -22.42 5.41
CA ALA D 253 -12.30 -23.71 4.89
C ALA D 253 -12.63 -24.84 5.88
N GLN D 254 -12.47 -24.62 7.18
CA GLN D 254 -12.81 -25.68 8.13
C GLN D 254 -14.30 -26.02 8.10
N ARG D 255 -15.13 -25.06 7.70
CA ARG D 255 -16.58 -25.19 7.65
C ARG D 255 -17.10 -25.57 6.27
N GLY D 256 -16.23 -25.93 5.35
CA GLY D 256 -16.60 -26.55 4.09
C GLY D 256 -16.28 -25.74 2.85
N ALA D 257 -15.82 -24.49 2.97
CA ALA D 257 -15.57 -23.69 1.78
C ALA D 257 -14.43 -24.33 0.98
N LEU D 258 -14.60 -24.42 -0.33
CA LEU D 258 -13.56 -25.01 -1.17
C LEU D 258 -12.81 -23.98 -2.01
N LEU D 259 -13.28 -22.74 -2.06
CA LEU D 259 -12.56 -21.67 -2.72
C LEU D 259 -12.52 -20.48 -1.78
N LEU D 260 -11.34 -19.85 -1.66
CA LEU D 260 -11.14 -18.69 -0.81
C LEU D 260 -10.65 -17.54 -1.68
N ARG D 261 -11.41 -16.43 -1.71
CA ARG D 261 -11.10 -15.27 -2.56
C ARG D 261 -10.37 -14.24 -1.70
N VAL D 262 -9.07 -14.08 -1.94
CA VAL D 262 -8.25 -13.32 -0.99
C VAL D 262 -7.29 -12.37 -1.70
N HIS D 263 -6.93 -11.31 -0.96
CA HIS D 263 -5.83 -10.46 -1.38
C HIS D 263 -4.48 -11.05 -0.96
N ASP D 264 -4.43 -11.61 0.26
CA ASP D 264 -3.17 -12.00 0.90
C ASP D 264 -2.91 -13.49 0.67
N VAL D 265 -2.41 -13.75 -0.52
CA VAL D 265 -2.34 -15.11 -1.02
C VAL D 265 -1.31 -15.92 -0.23
N ALA D 266 -0.07 -15.41 -0.10
CA ALA D 266 0.98 -16.19 0.55
C ALA D 266 0.57 -16.56 1.98
N ALA D 267 0.02 -15.58 2.72
CA ALA D 267 -0.38 -15.83 4.12
C ALA D 267 -1.49 -16.85 4.21
N THR D 268 -2.47 -16.77 3.27
CA THR D 268 -3.56 -17.71 3.28
C THR D 268 -3.05 -19.10 2.94
N VAL D 269 -2.15 -19.19 1.97
CA VAL D 269 -1.58 -20.49 1.61
C VAL D 269 -0.86 -21.10 2.80
N ASP D 270 -0.08 -20.30 3.50
CA ASP D 270 0.60 -20.84 4.68
C ASP D 270 -0.38 -21.36 5.73
N ALA D 271 -1.41 -20.59 6.04
CA ALA D 271 -2.37 -21.03 7.07
C ALA D 271 -3.04 -22.33 6.66
N LEU D 272 -3.47 -22.43 5.39
CA LEU D 272 -4.12 -23.64 4.93
C LEU D 272 -3.16 -24.82 4.93
N THR D 273 -1.88 -24.56 4.66
CA THR D 273 -0.89 -25.62 4.65
C THR D 273 -0.67 -26.21 6.05
N VAL D 274 -0.63 -25.36 7.08
CA VAL D 274 -0.46 -25.88 8.45
C VAL D 274 -1.69 -26.68 8.83
N TRP D 275 -2.87 -26.14 8.49
CA TRP D 275 -4.12 -26.84 8.81
C TRP D 275 -4.19 -28.19 8.09
N GLN D 276 -3.78 -28.22 6.81
CA GLN D 276 -3.83 -29.49 6.09
C GLN D 276 -2.93 -30.53 6.73
N ALA D 277 -1.75 -30.12 7.23
CA ALA D 277 -0.85 -31.07 7.88
C ALA D 277 -1.47 -31.64 9.14
N VAL D 278 -2.12 -30.79 9.94
CA VAL D 278 -2.80 -31.25 11.15
C VAL D 278 -3.97 -32.16 10.81
N GLN D 279 -4.77 -31.78 9.82
CA GLN D 279 -5.93 -32.57 9.44
C GLN D 279 -5.54 -33.93 8.88
N ALA D 280 -4.34 -34.04 8.30
CA ALA D 280 -3.89 -35.30 7.71
C ALA D 280 -3.47 -36.32 8.76
N VAL D 281 -3.48 -35.99 10.05
CA VAL D 281 -3.11 -36.93 11.11
C VAL D 281 -4.34 -37.75 11.48
N PRO D 282 -4.27 -39.08 11.44
CA PRO D 282 -5.37 -39.91 11.96
C PRO D 282 -5.43 -39.79 13.48
#